data_6CXH
#
_entry.id   6CXH
#
_cell.length_a   143.840
_cell.length_b   143.840
_cell.length_c   146.152
_cell.angle_alpha   90.00
_cell.angle_beta   90.00
_cell.angle_gamma   120.00
#
_symmetry.space_group_name_H-M   'P 63'
#
loop_
_entity.id
_entity.type
_entity.pdbx_description
1 polymer 'Particulate methane monooxygenase, B subunit'
2 polymer 'Particulate methane monooxygenase, A subunit'
3 polymer 'Particulate methane monooxygenase, C subunit'
4 non-polymer 'COPPER (II) ION'
5 non-polymer 5-CYCLOHEXYL-1-PENTYL-BETA-D-MALTOSIDE
#
loop_
_entity_poly.entity_id
_entity_poly.type
_entity_poly.pdbx_seq_one_letter_code
_entity_poly.pdbx_strand_id
1 'polypeptide(L)'
;MKIIKDKVAKLSFVALLVTVTAAMFYTPTASAHGEKSQAAFMRMRTIHWFDLNWSKDQVSVNETMSISGKFHVFAGWPET
VDKPEVAFLNIGIPGPVFIRAGSWIGGQLVPRSVSLELGETYEFKVLLKARRPGDWHVHTMMNVQGGGPIIGPGKWVTIT
GSMGDFKNPITTLTGETIDLETYALDGVYGWHLFWYLLGVAWMVYWCRKPVFIPRRIAVDAGKADSLITPTDKKVGMAFA
AGTLAIVAVSMGQANEKYPVTTPLQAGLMRGIKSLELPQPTVSVKVVDASYRVPGRAMQMTLEITNNGDSAVRLAEFNTA
SVRFLDADVYEDDTNYPDDLLAEEGLSVSDNSPLAPGETRTVDVTASDAAWEVYRLADLIYDPDSRFAGLLFFIDEDGNR
QMTMVDAPLIPTFI
;
A
2 'polypeptide(L)'
;MSASQSAVRSRAEAVKVSRTFDYMILFTVFFVVLGGYHIHYMLTGGDWDFWTDWKDRRLWVTVAPIVSITFPAAVQAVLW
WRYRIAWGATLCVLGLLLGEWINRYFNFWGWTYFPVNFVFPSNLMPGAIVLDVILMLSNSMTLTAVVGGLAWGLLFYPGN
WPIIAPLHVPVEYNGMMMTLADLQGYHYVRTGTPEYIRMVEKGTLRTFGKDVAPVSAFFSGFVSILIYFLWHFFGSWFGS
EKFVQAA
;
B
3 'polypeptide(L)'
;MAATTESVKADAAEAPLLNKKNIIAGASLYLVFYAWVRWYEGVYGWSAGLDSFAPEFETYWMNFLYIEMVLEVLTASVLW
GYIWKSRDRKVMSITPREELRRHFTHWTWLMMYGIAIYFGASYFTEQDGTWHQTIVRDTDFTPSHIIEFYLSYPIYIITG
GASFLYAKTRLPTYQQGLSLQYLVVVVGPFMILPNVGLNEWGHTFWFMEELFVAPLHYGFVFFGWSALGVLGVINIELGA
LSKLLKKDLA
;
C
#
# COMPACT_ATOMS: atom_id res chain seq x y z
N HIS A 33 19.09 2.49 5.74
CA HIS A 33 19.17 1.76 7.01
C HIS A 33 18.33 0.49 7.02
N GLY A 34 18.54 -0.36 8.02
CA GLY A 34 17.64 -1.46 8.32
C GLY A 34 18.23 -2.85 8.22
N GLU A 35 19.44 -3.02 7.70
CA GLU A 35 19.94 -4.37 7.43
C GLU A 35 20.75 -4.97 8.59
N LYS A 36 21.10 -4.18 9.62
CA LYS A 36 21.80 -4.77 10.75
C LYS A 36 20.90 -5.73 11.51
N SER A 37 19.59 -5.66 11.28
CA SER A 37 18.64 -6.52 11.99
C SER A 37 18.46 -7.88 11.33
N GLN A 38 18.93 -8.06 10.10
CA GLN A 38 18.72 -9.31 9.38
C GLN A 38 19.73 -10.33 9.84
N ALA A 39 19.33 -11.61 9.79
CA ALA A 39 20.26 -12.68 10.17
C ALA A 39 21.60 -12.50 9.47
N ALA A 40 22.68 -12.69 10.22
CA ALA A 40 24.02 -12.51 9.65
C ALA A 40 24.27 -13.50 8.53
N PHE A 41 23.94 -14.79 8.74
CA PHE A 41 24.24 -15.73 7.67
C PHE A 41 23.46 -15.42 6.41
N MET A 42 22.22 -14.95 6.52
CA MET A 42 21.49 -14.52 5.32
C MET A 42 22.35 -13.57 4.49
N ARG A 43 22.68 -12.41 5.07
CA ARG A 43 23.49 -11.41 4.39
C ARG A 43 24.85 -11.92 3.89
N MET A 44 25.43 -12.90 4.56
CA MET A 44 26.65 -13.48 4.02
C MET A 44 26.38 -14.47 2.89
N ARG A 45 25.28 -15.21 2.95
CA ARG A 45 25.04 -16.35 2.08
C ARG A 45 24.04 -16.04 0.98
N THR A 46 23.81 -14.76 0.67
CA THR A 46 22.72 -14.42 -0.23
C THR A 46 23.30 -13.78 -1.47
N ILE A 47 23.34 -12.43 -1.57
CA ILE A 47 23.89 -11.67 -2.69
C ILE A 47 25.12 -10.89 -2.20
N HIS A 48 26.22 -10.98 -2.95
CA HIS A 48 27.47 -10.30 -2.62
C HIS A 48 27.63 -9.04 -3.49
N TRP A 49 27.66 -7.86 -2.87
CA TRP A 49 27.80 -6.60 -3.60
C TRP A 49 29.26 -6.17 -3.58
N PHE A 50 29.85 -5.97 -4.76
CA PHE A 50 31.25 -5.60 -4.78
C PHE A 50 31.54 -4.68 -5.96
N ASP A 51 32.65 -3.95 -5.85
CA ASP A 51 33.07 -2.99 -6.86
C ASP A 51 32.04 -1.88 -7.08
N LEU A 52 31.31 -1.52 -6.03
CA LEU A 52 30.37 -0.42 -6.14
C LEU A 52 31.10 0.89 -6.42
N ASN A 53 30.45 1.76 -7.18
CA ASN A 53 30.93 3.11 -7.45
C ASN A 53 29.78 4.11 -7.32
N TRP A 54 29.97 5.15 -6.50
CA TRP A 54 29.04 6.27 -6.40
C TRP A 54 29.64 7.48 -7.09
N SER A 55 28.99 7.95 -8.16
CA SER A 55 29.52 9.07 -8.96
C SER A 55 29.43 10.43 -8.27
N LYS A 56 28.66 10.58 -7.19
CA LYS A 56 28.73 11.78 -6.36
C LYS A 56 28.36 11.39 -4.93
N ASP A 57 28.41 12.35 -4.03
CA ASP A 57 27.82 12.11 -2.72
C ASP A 57 27.31 13.42 -2.14
N GLN A 58 27.21 14.46 -2.96
CA GLN A 58 26.42 15.66 -2.74
C GLN A 58 25.83 15.99 -4.09
N VAL A 59 24.58 16.45 -4.11
CA VAL A 59 23.92 16.70 -5.39
C VAL A 59 22.80 17.71 -5.20
N SER A 60 22.47 18.43 -6.28
CA SER A 60 21.45 19.46 -6.26
C SER A 60 20.19 18.95 -6.94
N VAL A 61 19.03 19.43 -6.49
CA VAL A 61 17.75 19.01 -7.04
C VAL A 61 17.74 19.14 -8.57
N ASN A 62 17.66 18.00 -9.25
CA ASN A 62 17.63 17.76 -10.71
C ASN A 62 18.96 17.23 -11.20
N GLU A 63 20.00 17.35 -10.38
CA GLU A 63 21.28 16.78 -10.76
C GLU A 63 21.18 15.27 -10.51
N THR A 64 21.54 14.49 -11.53
CA THR A 64 21.50 13.04 -11.41
C THR A 64 22.82 12.51 -10.86
N MET A 65 22.76 11.30 -10.32
CA MET A 65 23.94 10.59 -9.83
C MET A 65 23.84 9.14 -10.28
N SER A 66 24.93 8.40 -10.13
CA SER A 66 25.01 7.05 -10.67
C SER A 66 25.62 6.10 -9.65
N ILE A 67 24.88 5.05 -9.28
CA ILE A 67 25.42 3.94 -8.52
C ILE A 67 25.53 2.77 -9.46
N SER A 68 26.72 2.21 -9.57
CA SER A 68 26.96 1.07 -10.45
C SER A 68 27.92 0.12 -9.76
N GLY A 69 27.90 -1.13 -10.19
CA GLY A 69 28.75 -2.13 -9.58
C GLY A 69 28.44 -3.52 -10.11
N LYS A 70 28.80 -4.51 -9.31
CA LYS A 70 28.53 -5.90 -9.64
C LYS A 70 27.86 -6.55 -8.44
N PHE A 71 27.18 -7.66 -8.69
CA PHE A 71 26.72 -8.48 -7.59
C PHE A 71 26.76 -9.94 -7.99
N HIS A 72 26.94 -10.80 -6.98
CA HIS A 72 27.06 -12.24 -7.13
C HIS A 72 25.90 -12.90 -6.43
N VAL A 73 25.34 -13.92 -7.05
CA VAL A 73 24.17 -14.62 -6.50
C VAL A 73 24.71 -15.93 -5.93
N PHE A 74 24.96 -15.96 -4.61
CA PHE A 74 25.71 -17.05 -4.01
C PHE A 74 25.01 -18.40 -4.22
N ALA A 75 25.72 -19.33 -4.86
CA ALA A 75 25.10 -20.61 -5.21
C ALA A 75 24.64 -21.44 -4.03
N GLY A 76 25.01 -21.06 -2.80
CA GLY A 76 24.49 -21.77 -1.64
C GLY A 76 23.41 -21.00 -0.91
N TRP A 77 22.63 -20.28 -1.68
CA TRP A 77 21.44 -19.54 -1.32
C TRP A 77 20.60 -20.24 -0.25
N PRO A 78 20.21 -19.55 0.81
CA PRO A 78 19.50 -20.20 1.94
C PRO A 78 18.24 -20.96 1.53
N GLU A 79 17.89 -21.98 2.30
CA GLU A 79 16.65 -22.70 2.00
C GLU A 79 15.47 -21.74 1.98
N THR A 80 15.16 -21.15 3.13
CA THR A 80 13.99 -20.29 3.34
C THR A 80 14.06 -18.95 2.62
N VAL A 81 14.80 -18.88 1.51
CA VAL A 81 14.79 -17.72 0.62
C VAL A 81 14.61 -18.24 -0.79
N ASP A 82 13.41 -18.07 -1.35
CA ASP A 82 13.14 -18.57 -2.69
C ASP A 82 14.28 -18.20 -3.64
N LYS A 83 14.69 -19.17 -4.48
CA LYS A 83 15.70 -18.88 -5.50
C LYS A 83 15.18 -17.67 -6.24
N PRO A 84 16.06 -16.77 -6.73
CA PRO A 84 15.60 -15.49 -7.31
C PRO A 84 15.14 -15.60 -8.75
N GLU A 85 14.14 -16.46 -8.98
CA GLU A 85 13.52 -16.50 -10.30
C GLU A 85 12.75 -15.22 -10.58
N VAL A 86 12.32 -14.52 -9.53
CA VAL A 86 11.54 -13.31 -9.75
C VAL A 86 12.04 -12.29 -8.75
N ALA A 87 12.94 -11.42 -9.20
CA ALA A 87 13.58 -10.43 -8.34
C ALA A 87 13.47 -9.06 -8.98
N PHE A 88 13.63 -8.02 -8.16
CA PHE A 88 13.48 -6.64 -8.64
C PHE A 88 14.57 -5.78 -8.03
N LEU A 89 15.19 -4.95 -8.88
CA LEU A 89 16.31 -4.09 -8.48
C LEU A 89 15.72 -2.76 -8.04
N ASN A 90 15.60 -2.62 -6.73
CA ASN A 90 15.06 -1.43 -6.10
C ASN A 90 16.20 -0.59 -5.61
N ILE A 91 15.86 0.55 -5.00
CA ILE A 91 16.79 1.30 -4.18
C ILE A 91 16.09 1.59 -2.87
N GLY A 92 16.86 1.63 -1.79
CA GLY A 92 16.30 1.90 -0.48
C GLY A 92 16.44 3.37 -0.13
N ILE A 93 15.32 4.07 -0.08
CA ILE A 93 15.29 5.48 0.33
C ILE A 93 13.93 5.73 0.98
N PRO A 94 13.83 6.64 1.94
CA PRO A 94 12.52 6.91 2.56
C PRO A 94 11.65 7.76 1.66
N GLY A 95 10.90 7.12 0.77
CA GLY A 95 10.11 7.83 -0.19
C GLY A 95 10.97 8.25 -1.35
N PRO A 96 10.37 8.72 -2.42
CA PRO A 96 11.16 9.08 -3.60
C PRO A 96 11.95 10.38 -3.40
N VAL A 97 12.88 10.37 -2.44
CA VAL A 97 13.75 11.53 -2.26
C VAL A 97 14.68 11.66 -3.46
N PHE A 98 15.03 10.53 -4.08
CA PHE A 98 15.43 10.54 -5.49
C PHE A 98 14.29 9.96 -6.33
N ILE A 99 14.43 10.10 -7.63
CA ILE A 99 13.63 9.29 -8.52
C ILE A 99 14.62 8.39 -9.24
N ARG A 100 14.15 7.26 -9.69
CA ARG A 100 15.01 6.29 -10.34
C ARG A 100 14.88 6.51 -11.83
N ALA A 101 15.76 7.33 -12.38
CA ALA A 101 15.60 7.62 -13.80
C ALA A 101 15.94 6.40 -14.63
N GLY A 102 16.83 5.54 -14.13
CA GLY A 102 17.15 4.33 -14.83
C GLY A 102 17.74 3.29 -13.92
N SER A 103 17.70 2.04 -14.39
CA SER A 103 18.41 0.95 -13.75
C SER A 103 18.65 -0.13 -14.79
N TRP A 104 19.88 -0.67 -14.82
CA TRP A 104 20.26 -1.70 -15.80
C TRP A 104 20.93 -2.88 -15.10
N ILE A 105 20.63 -4.09 -15.59
CA ILE A 105 21.44 -5.27 -15.35
C ILE A 105 21.90 -5.78 -16.71
N GLY A 106 23.21 -5.89 -16.90
CA GLY A 106 23.71 -6.43 -18.15
C GLY A 106 23.40 -5.55 -19.34
N GLY A 107 23.33 -4.23 -19.13
CA GLY A 107 22.98 -3.32 -20.22
C GLY A 107 21.61 -3.56 -20.82
N GLN A 108 20.62 -3.82 -19.96
CA GLN A 108 19.21 -3.94 -20.32
C GLN A 108 18.44 -3.13 -19.29
N LEU A 109 17.48 -2.33 -19.75
CA LEU A 109 16.73 -1.57 -18.76
C LEU A 109 15.83 -2.56 -18.04
N VAL A 110 15.80 -2.48 -16.71
CA VAL A 110 15.03 -3.45 -15.93
C VAL A 110 13.93 -2.77 -15.12
N PRO A 111 12.93 -2.14 -15.79
CA PRO A 111 11.81 -1.58 -15.04
C PRO A 111 10.89 -2.62 -14.47
N ARG A 112 10.92 -3.83 -15.02
CA ARG A 112 10.11 -4.93 -14.52
C ARG A 112 10.97 -5.87 -13.70
N SER A 113 10.36 -6.95 -13.25
CA SER A 113 11.10 -7.88 -12.43
C SER A 113 11.87 -8.84 -13.34
N VAL A 114 13.03 -9.31 -12.86
CA VAL A 114 13.94 -10.09 -13.67
C VAL A 114 14.10 -11.48 -13.06
N SER A 115 14.65 -12.39 -13.87
CA SER A 115 15.12 -13.70 -13.38
C SER A 115 16.63 -13.63 -13.23
N LEU A 116 17.12 -13.87 -12.03
CA LEU A 116 18.55 -14.05 -11.76
C LEU A 116 18.82 -15.52 -11.52
N GLU A 117 20.06 -15.95 -11.68
CA GLU A 117 20.27 -17.37 -11.43
C GLU A 117 21.45 -17.63 -10.52
N LEU A 118 21.23 -18.56 -9.58
CA LEU A 118 22.24 -18.95 -8.61
C LEU A 118 23.55 -19.29 -9.34
N GLY A 119 24.64 -18.75 -8.84
CA GLY A 119 25.94 -18.98 -9.36
C GLY A 119 26.49 -17.81 -10.15
N GLU A 120 25.63 -16.98 -10.69
CA GLU A 120 26.10 -16.05 -11.70
C GLU A 120 26.47 -14.71 -11.09
N THR A 121 27.32 -13.98 -11.79
CA THR A 121 27.74 -12.65 -11.40
C THR A 121 27.21 -11.67 -12.42
N TYR A 122 26.63 -10.58 -11.94
CA TYR A 122 25.94 -9.62 -12.77
C TYR A 122 26.57 -8.26 -12.51
N GLU A 123 26.49 -7.38 -13.51
CA GLU A 123 26.85 -5.99 -13.28
C GLU A 123 25.59 -5.13 -13.38
N PHE A 124 25.63 -3.99 -12.68
CA PHE A 124 24.44 -3.17 -12.58
C PHE A 124 24.83 -1.70 -12.55
N LYS A 125 23.84 -0.88 -12.93
CA LYS A 125 23.88 0.55 -12.80
C LYS A 125 22.47 1.01 -12.48
N VAL A 126 22.37 1.99 -11.58
CA VAL A 126 21.12 2.70 -11.32
C VAL A 126 21.40 4.19 -11.48
N LEU A 127 20.51 4.90 -12.18
CA LEU A 127 20.65 6.35 -12.41
C LEU A 127 19.63 7.09 -11.54
N LEU A 128 20.10 7.59 -10.38
CA LEU A 128 19.26 8.37 -9.47
C LEU A 128 19.34 9.86 -9.78
N LYS A 129 18.18 10.52 -9.78
CA LYS A 129 18.08 11.97 -9.97
C LYS A 129 17.39 12.59 -8.76
N ALA A 130 18.02 13.60 -8.16
CA ALA A 130 17.63 14.03 -6.82
C ALA A 130 16.36 14.87 -6.82
N ARG A 131 15.64 14.84 -5.69
CA ARG A 131 14.31 15.43 -5.62
C ARG A 131 14.09 16.19 -4.33
N ARG A 132 14.55 15.67 -3.20
CA ARG A 132 14.14 16.23 -1.92
C ARG A 132 15.37 16.48 -1.06
N PRO A 133 15.62 17.73 -0.66
CA PRO A 133 16.88 18.03 0.02
C PRO A 133 16.92 17.37 1.39
N GLY A 134 18.11 16.97 1.79
CA GLY A 134 18.27 16.27 3.04
C GLY A 134 19.53 15.42 3.01
N ASP A 135 19.72 14.68 4.09
CA ASP A 135 20.84 13.75 4.20
C ASP A 135 20.28 12.33 4.14
N TRP A 136 20.51 11.67 3.00
CA TRP A 136 19.86 10.41 2.66
C TRP A 136 20.86 9.28 2.62
N HIS A 137 20.56 8.19 3.33
CA HIS A 137 21.42 7.01 3.31
C HIS A 137 20.91 6.08 2.22
N VAL A 138 21.48 6.21 1.03
CA VAL A 138 20.97 5.54 -0.17
C VAL A 138 21.51 4.11 -0.25
N HIS A 139 20.60 3.14 -0.24
CA HIS A 139 20.93 1.73 -0.43
C HIS A 139 20.51 1.26 -1.81
N THR A 140 21.42 0.61 -2.50
CA THR A 140 21.06 -0.21 -3.64
C THR A 140 20.58 -1.55 -3.09
N MET A 141 19.53 -2.13 -3.69
CA MET A 141 18.98 -3.36 -3.09
C MET A 141 18.27 -4.22 -4.12
N MET A 142 17.96 -5.45 -3.69
CA MET A 142 17.36 -6.48 -4.54
C MET A 142 16.23 -7.17 -3.78
N ASN A 143 14.99 -6.86 -4.16
CA ASN A 143 13.81 -7.58 -3.66
C ASN A 143 13.72 -8.93 -4.35
N VAL A 144 13.60 -10.00 -3.55
CA VAL A 144 13.46 -11.35 -4.10
C VAL A 144 12.10 -11.86 -3.68
N GLN A 145 11.21 -12.01 -4.66
CA GLN A 145 9.88 -12.57 -4.38
C GLN A 145 9.99 -13.90 -3.65
N GLY A 146 9.17 -14.06 -2.63
CA GLY A 146 9.28 -15.29 -1.90
C GLY A 146 10.52 -15.36 -1.05
N GLY A 147 11.20 -14.23 -0.87
CA GLY A 147 12.47 -14.15 -0.19
C GLY A 147 12.50 -13.04 0.82
N GLY A 148 12.52 -11.79 0.36
CA GLY A 148 12.62 -10.65 1.24
C GLY A 148 13.43 -9.55 0.57
N PRO A 149 13.72 -8.46 1.28
CA PRO A 149 14.65 -7.47 0.75
C PRO A 149 16.07 -7.91 1.03
N ILE A 150 16.87 -8.00 -0.01
CA ILE A 150 18.30 -8.26 0.13
C ILE A 150 19.02 -6.93 -0.03
N ILE A 151 19.57 -6.41 1.07
CA ILE A 151 19.96 -5.00 1.18
C ILE A 151 21.46 -4.82 0.98
N GLY A 152 21.84 -4.08 -0.07
CA GLY A 152 23.24 -3.76 -0.30
C GLY A 152 23.73 -2.60 0.56
N PRO A 153 25.01 -2.29 0.41
CA PRO A 153 25.61 -1.25 1.26
C PRO A 153 25.13 0.13 0.85
N GLY A 154 24.99 0.99 1.86
CA GLY A 154 24.52 2.35 1.65
C GLY A 154 25.60 3.36 1.99
N LYS A 155 25.65 4.45 1.20
CA LYS A 155 26.48 5.61 1.51
C LYS A 155 25.61 6.84 1.57
N TRP A 156 25.86 7.65 2.60
CA TRP A 156 25.20 8.94 2.72
C TRP A 156 25.40 9.77 1.47
N VAL A 157 24.32 10.35 0.99
CA VAL A 157 24.33 11.26 -0.14
C VAL A 157 23.48 12.44 0.29
N THR A 158 23.93 13.64 -0.04
CA THR A 158 23.28 14.84 0.46
C THR A 158 22.72 15.62 -0.71
N ILE A 159 21.43 15.94 -0.63
CA ILE A 159 20.78 16.76 -1.64
C ILE A 159 20.60 18.16 -1.07
N THR A 160 20.86 19.16 -1.91
CA THR A 160 20.73 20.56 -1.55
C THR A 160 19.83 21.24 -2.57
N GLY A 161 19.17 22.32 -2.12
CA GLY A 161 18.28 23.07 -2.98
C GLY A 161 16.91 23.18 -2.34
N SER A 162 15.89 23.47 -3.15
CA SER A 162 14.50 23.36 -2.71
C SER A 162 13.80 22.31 -3.58
N MET A 163 13.09 21.38 -2.94
CA MET A 163 12.39 20.33 -3.68
C MET A 163 11.43 20.90 -4.71
N GLY A 164 10.93 22.12 -4.48
CA GLY A 164 10.08 22.74 -5.48
C GLY A 164 10.77 22.91 -6.82
N ASP A 165 12.11 22.82 -6.86
CA ASP A 165 12.85 22.84 -8.11
C ASP A 165 12.65 21.58 -8.95
N PHE A 166 12.13 20.50 -8.36
CA PHE A 166 12.21 19.20 -9.01
C PHE A 166 11.33 19.15 -10.25
N LYS A 167 11.91 18.67 -11.36
CA LYS A 167 11.19 18.60 -12.64
C LYS A 167 11.53 17.27 -13.33
N ASN A 168 10.50 16.62 -13.87
CA ASN A 168 10.59 15.24 -14.35
C ASN A 168 10.01 15.17 -15.75
N PRO A 169 10.74 15.70 -16.73
CA PRO A 169 10.21 15.79 -18.09
C PRO A 169 10.27 14.47 -18.84
N ILE A 170 9.26 14.27 -19.66
CA ILE A 170 9.10 13.05 -20.45
C ILE A 170 8.57 13.45 -21.81
N THR A 171 9.13 12.87 -22.87
CA THR A 171 8.60 13.09 -24.21
C THR A 171 7.81 11.84 -24.61
N THR A 172 6.49 12.00 -24.72
CA THR A 172 5.67 10.84 -25.03
C THR A 172 5.79 10.45 -26.49
N LEU A 173 5.40 9.21 -26.78
CA LEU A 173 5.41 8.65 -28.13
C LEU A 173 4.47 9.37 -29.06
N THR A 174 3.63 10.25 -28.52
CA THR A 174 2.86 11.18 -29.34
C THR A 174 3.49 12.57 -29.35
N GLY A 175 4.39 12.81 -28.39
CA GLY A 175 5.08 14.04 -28.07
C GLY A 175 4.50 15.32 -28.60
N GLU A 176 4.06 16.26 -27.78
CA GLU A 176 3.89 16.29 -26.31
C GLU A 176 5.05 15.92 -25.37
N THR A 177 5.40 16.95 -24.60
CA THR A 177 6.48 16.93 -23.61
C THR A 177 5.86 17.37 -22.30
N ILE A 178 5.75 16.43 -21.36
CA ILE A 178 5.00 16.64 -20.12
C ILE A 178 5.99 16.71 -18.97
N ASP A 179 5.50 17.09 -17.79
CA ASP A 179 6.27 16.94 -16.55
C ASP A 179 5.51 15.94 -15.68
N LEU A 180 6.13 14.78 -15.44
CA LEU A 180 5.43 13.67 -14.80
C LEU A 180 5.24 13.89 -13.30
N GLU A 181 5.84 14.95 -12.74
CA GLU A 181 5.63 15.21 -11.33
C GLU A 181 4.32 15.94 -11.06
N THR A 182 3.65 16.45 -12.13
CA THR A 182 2.37 17.16 -12.01
C THR A 182 1.38 16.85 -13.11
N TYR A 183 1.78 16.14 -14.17
CA TYR A 183 0.88 15.88 -15.29
C TYR A 183 -0.41 15.21 -14.81
N ALA A 184 -1.52 15.62 -15.42
CA ALA A 184 -2.87 15.14 -15.15
C ALA A 184 -3.34 15.42 -13.73
N LEU A 185 -2.56 16.16 -12.92
CA LEU A 185 -3.00 16.44 -11.56
C LEU A 185 -4.19 17.39 -11.49
N ASP A 186 -4.39 18.25 -12.49
CA ASP A 186 -5.57 19.08 -12.41
C ASP A 186 -6.82 18.30 -12.81
N GLY A 187 -6.66 17.27 -13.64
CA GLY A 187 -7.77 16.40 -13.95
C GLY A 187 -8.20 15.52 -12.79
N VAL A 188 -7.24 15.02 -11.99
CA VAL A 188 -7.68 14.20 -10.87
C VAL A 188 -8.41 15.06 -9.85
N TYR A 189 -7.78 16.16 -9.41
CA TYR A 189 -8.42 17.08 -8.47
C TYR A 189 -9.74 17.61 -9.02
N GLY A 190 -9.79 17.91 -10.32
CA GLY A 190 -11.07 18.28 -10.90
C GLY A 190 -12.12 17.22 -10.67
N TRP A 191 -11.96 16.08 -11.36
CA TRP A 191 -12.99 15.03 -11.40
C TRP A 191 -13.33 14.47 -10.02
N HIS A 192 -12.35 14.41 -9.12
CA HIS A 192 -12.66 13.91 -7.79
C HIS A 192 -13.50 14.92 -7.03
N LEU A 193 -13.14 16.22 -7.12
CA LEU A 193 -13.94 17.23 -6.44
C LEU A 193 -15.35 17.31 -7.01
N PHE A 194 -15.50 17.11 -8.33
CA PHE A 194 -16.84 17.12 -8.91
C PHE A 194 -17.69 16.02 -8.30
N TRP A 195 -17.28 14.76 -8.49
CA TRP A 195 -18.08 13.61 -8.02
C TRP A 195 -18.29 13.64 -6.51
N TYR A 196 -17.30 14.07 -5.73
CA TYR A 196 -17.56 14.23 -4.30
C TYR A 196 -18.69 15.24 -4.05
N LEU A 197 -18.58 16.44 -4.65
CA LEU A 197 -19.63 17.45 -4.47
C LEU A 197 -20.95 16.95 -5.05
N LEU A 198 -20.91 16.21 -6.18
CA LEU A 198 -22.14 15.59 -6.64
C LEU A 198 -22.72 14.68 -5.57
N GLY A 199 -21.86 14.06 -4.76
CA GLY A 199 -22.38 13.21 -3.74
C GLY A 199 -22.93 14.00 -2.60
N VAL A 200 -22.11 14.91 -2.05
CA VAL A 200 -22.59 15.80 -0.98
C VAL A 200 -23.94 16.41 -1.36
N ALA A 201 -24.15 16.73 -2.65
CA ALA A 201 -25.44 17.22 -3.11
C ALA A 201 -26.55 16.27 -2.68
N TRP A 202 -26.62 15.09 -3.30
CA TRP A 202 -27.58 14.03 -2.95
C TRP A 202 -27.81 13.93 -1.44
N MET A 203 -26.76 13.99 -0.65
CA MET A 203 -26.98 13.91 0.78
C MET A 203 -27.62 15.18 1.34
N VAL A 204 -27.36 16.35 0.74
CA VAL A 204 -28.02 17.54 1.27
C VAL A 204 -29.36 17.82 0.62
N TYR A 205 -29.63 17.28 -0.58
CA TYR A 205 -31.01 17.31 -1.06
C TYR A 205 -31.98 16.78 -0.03
N TRP A 206 -31.55 15.81 0.79
CA TRP A 206 -32.43 15.11 1.74
C TRP A 206 -32.26 15.60 3.17
N CYS A 207 -31.02 15.69 3.67
CA CYS A 207 -30.82 16.23 5.01
C CYS A 207 -31.29 17.65 5.14
N ARG A 208 -31.71 18.28 4.06
CA ARG A 208 -32.58 19.45 4.17
C ARG A 208 -33.77 19.12 5.07
N LYS A 209 -34.58 18.14 4.67
CA LYS A 209 -35.71 17.69 5.46
C LYS A 209 -35.23 16.97 6.75
N PRO A 210 -36.15 16.62 7.65
CA PRO A 210 -35.77 15.79 8.81
C PRO A 210 -35.49 14.35 8.40
N VAL A 211 -34.41 13.80 8.97
CA VAL A 211 -33.90 12.50 8.53
C VAL A 211 -34.43 11.35 9.37
N PHE A 212 -34.20 11.36 10.70
CA PHE A 212 -34.34 10.10 11.41
C PHE A 212 -35.66 9.94 12.16
N ILE A 213 -35.84 10.58 13.34
CA ILE A 213 -37.04 10.29 14.14
C ILE A 213 -38.32 10.43 13.34
N PRO A 214 -38.53 11.49 12.55
CA PRO A 214 -39.80 11.62 11.82
C PRO A 214 -39.96 10.60 10.71
N ARG A 215 -38.88 10.30 9.97
CA ARG A 215 -39.01 9.24 8.98
C ARG A 215 -39.26 7.90 9.66
N ARG A 216 -38.69 7.69 10.86
CA ARG A 216 -38.89 6.41 11.54
C ARG A 216 -40.37 6.19 11.83
N ILE A 217 -40.94 7.06 12.67
CA ILE A 217 -42.37 7.14 12.93
C ILE A 217 -43.17 6.92 11.65
N ALA A 218 -42.80 7.64 10.61
CA ALA A 218 -43.58 7.59 9.38
C ALA A 218 -43.62 6.18 8.82
N VAL A 219 -42.48 5.47 8.85
CA VAL A 219 -42.39 4.12 8.28
C VAL A 219 -43.13 3.11 9.16
N ASP A 220 -42.77 3.05 10.46
CA ASP A 220 -43.47 2.19 11.40
C ASP A 220 -44.96 2.34 11.26
N ALA A 221 -45.42 3.57 11.17
CA ALA A 221 -46.85 3.81 11.23
C ALA A 221 -47.57 3.41 9.95
N GLY A 222 -46.94 2.63 9.08
CA GLY A 222 -47.58 2.15 7.88
C GLY A 222 -47.46 3.08 6.71
N LYS A 223 -46.90 4.27 6.94
CA LYS A 223 -46.86 5.37 5.99
C LYS A 223 -45.47 5.58 5.42
N ALA A 224 -44.90 4.56 4.76
CA ALA A 224 -43.55 4.71 4.21
C ALA A 224 -43.56 5.33 2.82
N ASP A 225 -44.58 5.06 2.02
CA ASP A 225 -44.68 5.71 0.72
C ASP A 225 -44.89 7.21 0.84
N SER A 226 -45.39 7.69 1.99
CA SER A 226 -45.52 9.12 2.17
C SER A 226 -44.18 9.84 2.14
N LEU A 227 -43.06 9.12 2.29
CA LEU A 227 -41.77 9.79 2.46
C LEU A 227 -40.97 9.92 1.19
N ILE A 228 -41.29 9.13 0.18
CA ILE A 228 -40.75 9.37 -1.17
C ILE A 228 -41.90 9.95 -1.99
N THR A 229 -41.88 11.28 -2.14
CA THR A 229 -42.81 12.04 -2.96
C THR A 229 -42.45 11.90 -4.44
N PRO A 230 -43.31 12.37 -5.36
CA PRO A 230 -42.93 12.30 -6.79
C PRO A 230 -41.87 13.32 -7.21
N THR A 231 -41.70 14.45 -6.50
CA THR A 231 -40.54 15.31 -6.75
C THR A 231 -39.26 14.57 -6.41
N ASP A 232 -39.13 14.17 -5.13
CA ASP A 232 -38.22 13.13 -4.68
C ASP A 232 -38.05 12.07 -5.75
N LYS A 233 -39.17 11.48 -6.18
CA LYS A 233 -39.10 10.27 -6.98
C LYS A 233 -38.23 10.46 -8.20
N LYS A 234 -38.22 11.65 -8.80
CA LYS A 234 -37.32 11.73 -9.95
C LYS A 234 -36.51 13.02 -10.03
N VAL A 235 -36.41 13.82 -8.95
CA VAL A 235 -35.09 14.37 -8.64
C VAL A 235 -34.06 13.25 -8.74
N GLY A 236 -34.40 12.09 -8.17
CA GLY A 236 -33.68 10.84 -8.32
C GLY A 236 -33.35 10.51 -9.76
N MET A 237 -34.35 10.49 -10.66
CA MET A 237 -34.05 10.18 -12.05
C MET A 237 -33.14 11.23 -12.69
N ALA A 238 -33.10 12.44 -12.13
CA ALA A 238 -32.14 13.41 -12.64
C ALA A 238 -30.74 12.90 -12.35
N PHE A 239 -30.38 12.83 -11.07
CA PHE A 239 -29.03 12.41 -10.66
C PHE A 239 -28.60 11.13 -11.37
N ALA A 240 -29.44 10.09 -11.34
CA ALA A 240 -29.17 8.89 -12.12
C ALA A 240 -28.80 9.26 -13.55
N ALA A 241 -29.78 9.67 -14.36
CA ALA A 241 -29.52 9.97 -15.77
C ALA A 241 -28.38 10.96 -15.94
N GLY A 242 -28.26 11.94 -15.06
CA GLY A 242 -27.12 12.84 -15.12
C GLY A 242 -25.77 12.13 -15.00
N THR A 243 -25.62 11.32 -13.93
CA THR A 243 -24.35 10.63 -13.71
C THR A 243 -23.99 9.74 -14.89
N LEU A 244 -24.98 9.00 -15.43
CA LEU A 244 -24.71 8.20 -16.63
C LEU A 244 -24.32 9.10 -17.81
N ALA A 245 -25.03 10.21 -17.99
CA ALA A 245 -24.71 11.13 -19.08
C ALA A 245 -23.31 11.69 -18.91
N ILE A 246 -23.03 12.30 -17.75
CA ILE A 246 -21.71 12.87 -17.49
C ILE A 246 -20.62 11.80 -17.60
N VAL A 247 -20.97 10.53 -17.42
CA VAL A 247 -19.99 9.47 -17.64
C VAL A 247 -19.76 9.24 -19.12
N ALA A 248 -20.84 8.90 -19.85
CA ALA A 248 -20.69 8.51 -21.26
C ALA A 248 -20.04 9.62 -22.09
N VAL A 249 -20.39 10.89 -21.86
CA VAL A 249 -19.80 11.94 -22.68
C VAL A 249 -18.33 12.12 -22.31
N SER A 250 -18.01 12.43 -21.05
CA SER A 250 -16.64 12.70 -20.70
C SER A 250 -15.75 11.50 -20.96
N MET A 251 -16.33 10.31 -20.96
CA MET A 251 -15.72 9.11 -21.49
C MET A 251 -15.31 9.37 -22.94
N GLY A 252 -16.31 9.59 -23.81
CA GLY A 252 -16.04 9.88 -25.21
C GLY A 252 -15.13 11.08 -25.42
N GLN A 253 -15.22 12.09 -24.56
CA GLN A 253 -14.33 13.23 -24.70
C GLN A 253 -12.90 12.90 -24.27
N ALA A 254 -12.68 11.77 -23.60
CA ALA A 254 -11.31 11.42 -23.20
C ALA A 254 -10.61 10.62 -24.28
N ASN A 255 -11.35 9.75 -24.97
CA ASN A 255 -10.76 9.04 -26.09
C ASN A 255 -10.60 9.93 -27.32
N GLU A 256 -10.80 11.25 -27.16
CA GLU A 256 -10.47 12.25 -28.15
C GLU A 256 -9.23 13.04 -27.77
N LYS A 257 -9.22 13.74 -26.63
CA LYS A 257 -7.99 14.41 -26.20
C LYS A 257 -6.80 13.46 -26.11
N TYR A 258 -7.02 12.15 -25.95
CA TYR A 258 -5.94 11.14 -26.00
C TYR A 258 -6.37 9.96 -26.86
N PRO A 259 -6.21 10.07 -28.18
CA PRO A 259 -6.65 8.98 -29.06
C PRO A 259 -5.69 7.80 -29.12
N VAL A 260 -4.46 7.90 -28.63
CA VAL A 260 -3.63 6.70 -28.52
C VAL A 260 -3.22 6.52 -27.07
N THR A 261 -3.68 5.40 -26.50
CA THR A 261 -3.36 4.94 -25.16
C THR A 261 -3.05 3.45 -25.26
N THR A 262 -2.11 2.98 -24.46
CA THR A 262 -1.80 1.57 -24.40
C THR A 262 -1.96 1.06 -22.99
N PRO A 263 -2.23 -0.23 -22.82
CA PRO A 263 -2.36 -0.78 -21.48
C PRO A 263 -1.01 -0.77 -20.76
N LEU A 264 -1.08 -0.78 -19.42
CA LEU A 264 0.13 -0.88 -18.61
C LEU A 264 0.98 -2.05 -19.10
N GLN A 265 2.28 -1.83 -19.11
CA GLN A 265 3.23 -2.81 -19.61
C GLN A 265 3.78 -3.59 -18.43
N ALA A 266 3.68 -4.92 -18.50
CA ALA A 266 3.90 -5.75 -17.32
C ALA A 266 4.34 -7.17 -17.72
N GLY A 267 5.28 -7.71 -16.96
CA GLY A 267 5.65 -9.10 -17.07
C GLY A 267 7.13 -9.34 -16.87
N LEU A 268 7.44 -10.49 -16.30
CA LEU A 268 8.81 -10.84 -15.94
C LEU A 268 9.72 -10.88 -17.15
N MET A 269 10.93 -10.36 -16.98
CA MET A 269 11.98 -10.36 -18.00
C MET A 269 13.00 -11.44 -17.65
N ARG A 270 12.92 -12.59 -18.37
CA ARG A 270 13.74 -13.73 -17.98
C ARG A 270 15.16 -13.61 -18.51
N GLY A 271 15.31 -13.39 -19.79
CA GLY A 271 16.65 -13.52 -20.38
C GLY A 271 17.61 -12.42 -19.97
N ILE A 272 17.98 -12.36 -18.70
CA ILE A 272 18.91 -11.33 -18.24
C ILE A 272 20.35 -11.83 -18.34
N LYS A 273 21.14 -11.19 -19.19
CA LYS A 273 22.54 -11.56 -19.39
C LYS A 273 23.34 -11.30 -18.13
N SER A 274 24.33 -12.15 -17.87
CA SER A 274 25.32 -11.88 -16.83
C SER A 274 26.72 -11.86 -17.44
N LEU A 275 27.70 -11.44 -16.64
CA LEU A 275 29.06 -11.88 -16.88
C LEU A 275 29.12 -13.36 -16.56
N GLU A 276 29.93 -14.10 -17.30
CA GLU A 276 30.22 -15.45 -16.87
C GLU A 276 31.69 -15.61 -16.52
N LEU A 277 32.48 -14.54 -16.72
CA LEU A 277 33.67 -14.19 -15.96
C LEU A 277 34.88 -15.08 -16.22
N PRO A 278 36.09 -14.50 -16.25
CA PRO A 278 37.29 -15.35 -16.28
C PRO A 278 37.33 -16.22 -15.04
N GLN A 279 37.33 -17.53 -15.24
CA GLN A 279 37.24 -18.49 -14.13
C GLN A 279 38.53 -18.39 -13.29
N PRO A 280 38.43 -18.27 -11.94
CA PRO A 280 39.51 -17.61 -11.15
C PRO A 280 40.98 -17.88 -11.47
N THR A 281 41.72 -16.80 -11.69
CA THR A 281 43.18 -16.86 -11.75
C THR A 281 43.81 -17.52 -10.52
N VAL A 282 43.18 -17.38 -9.36
CA VAL A 282 43.68 -17.92 -8.11
C VAL A 282 42.65 -18.89 -7.54
N SER A 283 43.11 -20.00 -6.98
CA SER A 283 42.22 -21.04 -6.49
C SER A 283 42.37 -21.15 -4.96
N VAL A 284 41.40 -20.57 -4.22
CA VAL A 284 41.45 -20.51 -2.77
C VAL A 284 40.66 -21.66 -2.17
N LYS A 285 41.19 -22.22 -1.08
CA LYS A 285 40.52 -23.24 -0.30
C LYS A 285 40.54 -22.84 1.16
N VAL A 286 39.36 -22.77 1.78
CA VAL A 286 39.25 -22.46 3.21
C VAL A 286 39.37 -23.78 3.93
N VAL A 287 40.54 -24.04 4.52
CA VAL A 287 40.69 -25.29 5.25
C VAL A 287 39.99 -25.22 6.59
N ASP A 288 39.84 -24.01 7.15
CA ASP A 288 39.12 -23.81 8.40
C ASP A 288 38.89 -22.32 8.60
N ALA A 289 37.77 -21.97 9.23
CA ALA A 289 37.46 -20.59 9.57
C ALA A 289 36.83 -20.57 10.94
N SER A 290 36.94 -19.41 11.63
CA SER A 290 36.44 -19.31 12.99
C SER A 290 36.25 -17.86 13.38
N TYR A 291 35.61 -17.66 14.55
CA TYR A 291 35.48 -16.31 15.10
C TYR A 291 35.41 -16.38 16.62
N ARG A 292 35.94 -15.35 17.26
CA ARG A 292 36.01 -15.26 18.71
C ARG A 292 34.72 -14.59 19.21
N VAL A 293 33.97 -15.29 20.06
CA VAL A 293 32.78 -14.73 20.69
C VAL A 293 33.06 -14.58 22.18
N PRO A 294 33.00 -13.35 22.74
CA PRO A 294 32.75 -12.16 21.92
C PRO A 294 34.01 -11.76 21.19
N GLY A 295 33.95 -10.73 20.35
CA GLY A 295 35.09 -10.36 19.53
C GLY A 295 34.65 -9.59 18.32
N ARG A 296 35.64 -8.95 17.68
CA ARG A 296 35.42 -8.10 16.51
C ARG A 296 36.15 -8.64 15.28
N ALA A 297 36.36 -9.96 15.20
CA ALA A 297 37.25 -10.44 14.15
C ALA A 297 36.96 -11.89 13.77
N MET A 298 37.28 -12.20 12.52
CA MET A 298 37.07 -13.51 11.92
C MET A 298 38.38 -14.00 11.34
N GLN A 299 38.65 -15.29 11.47
CA GLN A 299 39.94 -15.86 11.17
C GLN A 299 39.78 -17.06 10.25
N MET A 300 40.48 -17.04 9.12
CA MET A 300 40.48 -18.16 8.19
C MET A 300 41.89 -18.69 8.00
N THR A 301 41.95 -19.91 7.50
CA THR A 301 43.19 -20.57 7.11
C THR A 301 43.04 -21.00 5.66
N LEU A 302 43.60 -20.22 4.76
CA LEU A 302 43.47 -20.44 3.33
C LEU A 302 44.68 -21.15 2.77
N GLU A 303 44.46 -22.09 1.87
CA GLU A 303 45.52 -22.59 1.00
C GLU A 303 45.27 -22.04 -0.40
N ILE A 304 46.25 -21.31 -0.93
CA ILE A 304 46.10 -20.43 -2.08
C ILE A 304 47.05 -20.88 -3.18
N THR A 305 46.59 -20.84 -4.44
CA THR A 305 47.34 -21.40 -5.57
C THR A 305 47.16 -20.52 -6.81
N ASN A 306 48.23 -19.82 -7.21
CA ASN A 306 48.19 -18.91 -8.37
C ASN A 306 48.31 -19.71 -9.67
N ASN A 307 47.30 -19.60 -10.54
CA ASN A 307 47.35 -20.23 -11.86
C ASN A 307 47.43 -19.21 -13.00
N GLY A 308 47.80 -17.97 -12.71
CA GLY A 308 47.99 -16.96 -13.72
C GLY A 308 49.41 -16.97 -14.25
N ASP A 309 49.77 -15.88 -14.92
CA ASP A 309 51.11 -15.73 -15.45
C ASP A 309 51.98 -14.76 -14.66
N SER A 310 51.37 -13.92 -13.83
CA SER A 310 52.08 -13.02 -12.93
C SER A 310 51.83 -13.44 -11.49
N ALA A 311 52.45 -12.71 -10.55
CA ALA A 311 52.36 -13.00 -9.13
C ALA A 311 51.28 -12.12 -8.48
N VAL A 312 50.68 -12.62 -7.40
CA VAL A 312 49.54 -11.97 -6.75
C VAL A 312 49.78 -11.84 -5.25
N ARG A 313 49.04 -10.92 -4.63
CA ARG A 313 48.99 -10.76 -3.18
C ARG A 313 47.54 -10.56 -2.76
N LEU A 314 47.21 -10.97 -1.53
CA LEU A 314 45.82 -10.91 -1.06
C LEU A 314 45.49 -9.49 -0.63
N ALA A 315 44.63 -8.83 -1.40
CA ALA A 315 44.27 -7.44 -1.15
C ALA A 315 43.09 -7.28 -0.20
N GLU A 316 42.07 -8.13 -0.33
CA GLU A 316 40.76 -7.84 0.25
C GLU A 316 40.01 -9.12 0.59
N PHE A 317 39.35 -9.11 1.74
CA PHE A 317 38.27 -10.03 2.07
C PHE A 317 37.01 -9.20 2.25
N ASN A 318 35.93 -9.64 1.61
CA ASN A 318 34.70 -8.87 1.52
C ASN A 318 33.57 -9.81 1.90
N THR A 319 33.03 -9.66 3.12
CA THR A 319 31.83 -10.39 3.51
C THR A 319 30.77 -9.44 4.07
N ALA A 320 29.52 -9.69 3.70
CA ALA A 320 28.36 -8.87 4.12
C ALA A 320 28.57 -7.39 3.87
N SER A 321 29.26 -7.07 2.77
CA SER A 321 29.55 -5.71 2.32
C SER A 321 30.62 -5.01 3.14
N VAL A 322 31.14 -5.65 4.18
CA VAL A 322 32.31 -5.15 4.89
C VAL A 322 33.55 -5.51 4.07
N ARG A 323 34.41 -4.52 3.80
CA ARG A 323 35.62 -4.75 2.98
C ARG A 323 36.84 -4.72 3.89
N PHE A 324 37.39 -5.89 4.19
CA PHE A 324 38.61 -6.03 4.98
C PHE A 324 39.81 -5.88 4.06
N LEU A 325 40.58 -4.82 4.23
CA LEU A 325 41.70 -4.56 3.34
C LEU A 325 43.04 -4.65 4.06
N ASP A 326 44.03 -5.22 3.36
CA ASP A 326 45.42 -5.16 3.78
C ASP A 326 46.06 -3.89 3.23
N ALA A 327 46.38 -2.95 4.13
CA ALA A 327 46.81 -1.62 3.70
C ALA A 327 48.11 -1.65 2.89
N ASP A 328 48.94 -2.69 3.06
CA ASP A 328 50.18 -2.81 2.31
C ASP A 328 49.98 -3.45 0.93
N VAL A 329 48.73 -3.59 0.46
CA VAL A 329 48.46 -4.08 -0.88
C VAL A 329 47.40 -3.23 -1.59
N TYR A 330 46.40 -2.75 -0.85
CA TYR A 330 45.31 -2.06 -1.53
C TYR A 330 44.87 -0.81 -0.76
N GLU A 331 44.57 0.25 -1.53
CA GLU A 331 43.92 1.45 -1.03
C GLU A 331 42.61 1.61 -1.77
N ASP A 332 41.57 2.02 -1.05
CA ASP A 332 40.26 2.08 -1.67
C ASP A 332 40.15 3.35 -2.52
N ASP A 333 39.94 3.16 -3.82
CA ASP A 333 39.75 4.24 -4.78
C ASP A 333 38.28 4.57 -5.03
N THR A 334 37.34 3.97 -4.28
CA THR A 334 35.92 4.05 -4.59
C THR A 334 35.10 4.85 -3.59
N ASN A 335 35.70 5.39 -2.53
CA ASN A 335 34.92 6.03 -1.46
C ASN A 335 33.89 5.04 -0.93
N TYR A 336 34.35 3.84 -0.57
CA TYR A 336 33.45 2.91 0.10
C TYR A 336 33.01 3.53 1.42
N PRO A 337 31.72 3.39 1.78
CA PRO A 337 31.25 3.89 3.09
C PRO A 337 32.16 3.49 4.24
N ASP A 338 32.67 4.45 5.00
CA ASP A 338 33.75 4.16 5.93
C ASP A 338 33.35 3.22 7.06
N ASP A 339 32.05 3.13 7.39
CA ASP A 339 31.62 2.19 8.42
C ASP A 339 31.68 0.74 7.96
N LEU A 340 31.84 0.51 6.67
CA LEU A 340 32.10 -0.82 6.12
C LEU A 340 33.53 -0.97 5.63
N LEU A 341 34.31 0.12 5.61
CA LEU A 341 35.69 0.07 5.17
C LEU A 341 36.57 -0.28 6.37
N ALA A 342 37.36 -1.33 6.21
CA ALA A 342 38.45 -1.64 7.11
C ALA A 342 39.72 -1.44 6.27
N GLU A 343 40.31 -0.24 6.36
CA GLU A 343 41.40 0.14 5.46
C GLU A 343 42.68 -0.62 5.81
N GLU A 344 42.90 -0.90 7.09
CA GLU A 344 43.96 -1.81 7.51
C GLU A 344 43.32 -2.98 8.24
N GLY A 345 42.33 -3.61 7.62
CA GLY A 345 41.53 -4.59 8.34
C GLY A 345 41.98 -6.03 8.16
N LEU A 346 42.53 -6.35 7.00
CA LEU A 346 42.90 -7.73 6.70
C LEU A 346 44.37 -7.94 7.01
N SER A 347 44.65 -8.93 7.83
CA SER A 347 45.99 -9.19 8.37
C SER A 347 46.42 -10.61 7.99
N VAL A 348 47.10 -10.71 6.83
CA VAL A 348 47.52 -11.99 6.27
C VAL A 348 48.85 -12.40 6.88
N SER A 349 48.89 -13.60 7.47
CA SER A 349 50.06 -14.08 8.22
C SER A 349 51.37 -13.89 7.46
N ASP A 350 51.45 -14.49 6.26
CA ASP A 350 52.62 -14.42 5.39
C ASP A 350 52.15 -13.92 4.00
N ASN A 351 51.98 -12.61 3.88
CA ASN A 351 51.43 -12.05 2.64
C ASN A 351 52.54 -11.57 1.71
N SER A 352 53.40 -12.51 1.34
CA SER A 352 54.40 -12.30 0.30
C SER A 352 53.77 -12.55 -1.06
N PRO A 353 54.46 -12.20 -2.14
CA PRO A 353 53.95 -12.50 -3.48
C PRO A 353 53.86 -14.00 -3.76
N LEU A 354 53.23 -14.33 -4.88
CA LEU A 354 52.89 -15.73 -5.19
C LEU A 354 52.90 -15.90 -6.72
N ALA A 355 54.04 -16.35 -7.26
CA ALA A 355 54.25 -16.53 -8.70
C ALA A 355 53.49 -17.75 -9.23
N PRO A 356 53.32 -17.85 -10.57
CA PRO A 356 52.54 -18.98 -11.13
C PRO A 356 53.01 -20.33 -10.63
N GLY A 357 52.06 -21.28 -10.53
CA GLY A 357 52.32 -22.47 -9.72
C GLY A 357 52.38 -22.07 -8.25
N GLU A 358 52.96 -22.95 -7.43
CA GLU A 358 53.22 -22.73 -6.00
C GLU A 358 51.97 -22.52 -5.14
N THR A 359 51.78 -23.42 -4.18
CA THR A 359 50.69 -23.41 -3.20
C THR A 359 51.23 -22.96 -1.85
N ARG A 360 50.41 -22.23 -1.08
CA ARG A 360 50.84 -21.84 0.26
C ARG A 360 49.64 -21.76 1.20
N THR A 361 49.70 -22.51 2.30
CA THR A 361 48.71 -22.35 3.35
C THR A 361 49.01 -21.13 4.20
N VAL A 362 48.01 -20.27 4.37
CA VAL A 362 48.15 -18.95 4.96
C VAL A 362 47.20 -18.85 6.14
N ASP A 363 47.42 -17.81 6.96
CA ASP A 363 46.56 -17.53 8.12
C ASP A 363 46.04 -16.11 7.98
N VAL A 364 44.75 -15.99 7.81
CA VAL A 364 44.12 -14.71 7.58
C VAL A 364 43.41 -14.31 8.86
N THR A 365 43.30 -13.00 9.09
CA THR A 365 42.50 -12.50 10.21
C THR A 365 41.82 -11.22 9.77
N ALA A 366 40.49 -11.25 9.72
CA ALA A 366 39.67 -10.10 9.33
C ALA A 366 39.15 -9.49 10.62
N SER A 367 39.72 -8.35 11.01
CA SER A 367 39.28 -7.64 12.21
C SER A 367 38.89 -6.22 11.87
N ASP A 368 37.86 -5.74 12.55
CA ASP A 368 37.39 -4.37 12.43
C ASP A 368 36.17 -4.22 13.34
N ALA A 369 35.79 -2.96 13.58
CA ALA A 369 34.59 -2.70 14.36
C ALA A 369 33.32 -3.01 13.58
N ALA A 370 33.36 -2.96 12.25
CA ALA A 370 32.19 -3.31 11.45
C ALA A 370 31.62 -4.66 11.84
N TRP A 371 32.47 -5.58 12.29
CA TRP A 371 32.02 -6.94 12.61
C TRP A 371 31.05 -6.96 13.78
N GLU A 372 31.04 -5.92 14.62
CA GLU A 372 30.05 -5.82 15.68
C GLU A 372 29.03 -4.74 15.43
N VAL A 373 29.43 -3.62 14.82
CA VAL A 373 28.47 -2.61 14.40
C VAL A 373 27.36 -3.28 13.60
N TYR A 374 27.74 -3.94 12.48
CA TYR A 374 26.83 -4.59 11.56
C TYR A 374 26.45 -6.02 11.97
N ARG A 375 26.73 -6.38 13.23
CA ARG A 375 26.17 -7.56 13.88
C ARG A 375 26.39 -8.83 13.06
N LEU A 376 27.46 -8.84 12.26
CA LEU A 376 27.96 -10.11 11.74
C LEU A 376 28.32 -11.04 12.88
N ALA A 377 28.76 -10.49 14.00
CA ALA A 377 29.04 -11.28 15.19
C ALA A 377 27.79 -11.89 15.80
N ASP A 378 26.59 -11.48 15.37
CA ASP A 378 25.37 -12.09 15.87
C ASP A 378 25.07 -13.44 15.22
N LEU A 379 25.94 -13.89 14.30
CA LEU A 379 25.87 -15.23 13.76
C LEU A 379 25.76 -16.29 14.84
N ILE A 380 26.20 -15.99 16.06
CA ILE A 380 26.08 -16.94 17.16
C ILE A 380 24.63 -17.31 17.42
N TYR A 381 23.69 -16.47 16.99
CA TYR A 381 22.27 -16.73 17.20
C TYR A 381 21.60 -17.41 16.02
N ASP A 382 22.28 -17.50 14.83
CA ASP A 382 21.68 -17.98 13.61
C ASP A 382 21.67 -19.51 13.56
N PRO A 383 20.67 -20.10 12.88
CA PRO A 383 20.56 -21.56 12.84
C PRO A 383 21.37 -22.19 11.73
N ASP A 384 22.37 -21.46 11.23
CA ASP A 384 23.24 -21.97 10.18
C ASP A 384 24.52 -21.14 10.24
N SER A 385 25.54 -21.68 10.93
CA SER A 385 26.79 -20.96 11.14
C SER A 385 27.74 -21.32 10.01
N ARG A 386 27.54 -20.66 8.88
CA ARG A 386 28.34 -20.84 7.68
C ARG A 386 28.45 -19.48 7.03
N PHE A 387 29.54 -19.25 6.32
CA PHE A 387 29.81 -17.93 5.82
C PHE A 387 30.17 -18.03 4.36
N ALA A 388 30.16 -16.87 3.70
CA ALA A 388 30.58 -16.79 2.31
C ALA A 388 30.96 -15.36 2.03
N GLY A 389 31.91 -15.16 1.12
CA GLY A 389 32.40 -13.82 0.87
C GLY A 389 33.39 -13.82 -0.27
N LEU A 390 33.88 -12.63 -0.60
CA LEU A 390 34.81 -12.48 -1.70
C LEU A 390 36.25 -12.29 -1.22
N LEU A 391 37.18 -12.72 -2.05
CA LEU A 391 38.61 -12.55 -1.82
C LEU A 391 39.15 -11.88 -3.07
N PHE A 392 39.96 -10.82 -2.88
CA PHE A 392 40.55 -10.08 -3.99
C PHE A 392 42.08 -10.19 -4.00
N PHE A 393 42.63 -10.61 -5.13
CA PHE A 393 44.07 -10.64 -5.36
C PHE A 393 44.46 -9.66 -6.46
N ILE A 394 45.57 -8.95 -6.25
CA ILE A 394 46.15 -8.03 -7.23
C ILE A 394 47.51 -8.58 -7.65
N ASP A 395 47.79 -8.57 -8.95
CA ASP A 395 49.15 -8.79 -9.40
C ASP A 395 49.95 -7.47 -9.40
N GLU A 396 51.25 -7.58 -9.63
CA GLU A 396 52.10 -6.38 -9.58
C GLU A 396 51.74 -5.37 -10.66
N ASP A 397 51.15 -5.83 -11.76
CA ASP A 397 50.59 -4.90 -12.74
C ASP A 397 49.52 -4.03 -12.09
N GLY A 398 48.55 -4.64 -11.42
CA GLY A 398 47.48 -3.92 -10.77
C GLY A 398 46.10 -4.53 -10.99
N ASN A 399 46.00 -5.52 -11.88
CA ASN A 399 44.73 -6.18 -12.15
C ASN A 399 44.27 -6.97 -10.93
N ARG A 400 43.12 -6.59 -10.37
CA ARG A 400 42.44 -7.42 -9.37
C ARG A 400 41.65 -8.49 -10.09
N GLN A 401 41.94 -9.75 -9.77
CA GLN A 401 41.06 -10.85 -10.12
C GLN A 401 40.47 -11.38 -8.82
N MET A 402 39.19 -11.71 -8.84
CA MET A 402 38.43 -11.98 -7.61
C MET A 402 38.08 -13.46 -7.48
N THR A 403 38.22 -13.98 -6.25
CA THR A 403 37.86 -15.36 -5.94
C THR A 403 36.88 -15.40 -4.77
N MET A 404 36.05 -16.45 -4.74
CA MET A 404 34.95 -16.56 -3.79
C MET A 404 35.18 -17.71 -2.82
N VAL A 405 34.93 -17.45 -1.54
CA VAL A 405 35.10 -18.41 -0.47
C VAL A 405 33.78 -18.58 0.24
N ASP A 406 33.60 -19.79 0.79
CA ASP A 406 32.51 -20.12 1.68
C ASP A 406 32.81 -21.46 2.33
N ALA A 407 32.56 -21.55 3.63
CA ALA A 407 32.80 -22.74 4.42
C ALA A 407 32.04 -22.57 5.73
N PRO A 408 32.04 -23.54 6.64
CA PRO A 408 31.48 -23.27 7.97
C PRO A 408 32.19 -22.08 8.61
N LEU A 409 31.68 -21.68 9.76
CA LEU A 409 32.33 -20.63 10.57
C LEU A 409 32.15 -21.02 12.03
N ILE A 410 33.13 -21.71 12.58
CA ILE A 410 33.01 -22.30 13.92
C ILE A 410 33.36 -21.25 14.97
N PRO A 411 32.57 -21.08 16.03
CA PRO A 411 32.92 -20.11 17.05
C PRO A 411 33.98 -20.68 18.00
N THR A 412 34.77 -19.79 18.58
CA THR A 412 35.69 -20.14 19.65
C THR A 412 35.30 -19.36 20.90
N PHE A 413 35.37 -20.02 22.04
CA PHE A 413 34.99 -19.43 23.31
C PHE A 413 36.16 -19.50 24.27
N ILE A 414 36.40 -18.42 25.01
CA ILE A 414 37.36 -18.44 26.10
C ILE A 414 36.99 -19.53 27.12
N SER B 4 -51.38 13.00 28.72
CA SER B 4 -50.04 12.43 28.43
C SER B 4 -48.94 13.24 29.11
N GLN B 5 -47.74 12.69 29.17
CA GLN B 5 -46.62 13.44 29.70
C GLN B 5 -45.54 13.51 28.63
N SER B 6 -44.72 14.55 28.69
CA SER B 6 -43.88 14.91 27.58
C SER B 6 -42.45 15.07 28.04
N ALA B 7 -41.52 14.65 27.17
CA ALA B 7 -40.12 14.96 27.35
C ALA B 7 -39.83 16.42 27.03
N VAL B 8 -40.68 17.05 26.23
CA VAL B 8 -40.49 18.42 25.80
C VAL B 8 -41.59 19.30 26.43
N ARG B 9 -41.37 20.61 26.34
CA ARG B 9 -42.28 21.61 26.90
C ARG B 9 -42.88 22.50 25.82
N SER B 10 -42.87 22.04 24.58
CA SER B 10 -43.39 22.85 23.47
C SER B 10 -43.16 22.06 22.21
N ARG B 11 -44.16 22.05 21.32
CA ARG B 11 -44.01 21.40 20.01
C ARG B 11 -42.71 21.83 19.34
N ALA B 12 -42.31 23.09 19.51
CA ALA B 12 -41.10 23.55 18.86
C ALA B 12 -39.88 22.81 19.40
N GLU B 13 -39.84 22.60 20.72
CA GLU B 13 -38.73 21.86 21.31
C GLU B 13 -38.65 20.46 20.74
N ALA B 14 -39.80 19.83 20.54
CA ALA B 14 -39.81 18.48 19.99
C ALA B 14 -39.25 18.45 18.58
N VAL B 15 -39.19 19.59 17.89
CA VAL B 15 -38.63 19.62 16.55
C VAL B 15 -37.16 20.02 16.58
N LYS B 16 -36.78 20.88 17.51
CA LYS B 16 -35.37 21.12 17.75
C LYS B 16 -34.65 19.84 18.16
N VAL B 17 -35.19 19.10 19.15
CA VAL B 17 -34.50 17.86 19.58
C VAL B 17 -34.48 16.85 18.43
N SER B 18 -35.64 16.49 17.87
CA SER B 18 -35.64 15.51 16.78
C SER B 18 -34.73 15.89 15.61
N ARG B 19 -34.12 17.08 15.64
CA ARG B 19 -33.13 17.46 14.63
C ARG B 19 -31.76 17.80 15.20
N THR B 20 -31.61 17.92 16.52
CA THR B 20 -30.25 17.72 17.01
C THR B 20 -29.81 16.26 16.83
N PHE B 21 -30.71 15.31 17.12
CA PHE B 21 -30.40 13.89 16.92
C PHE B 21 -30.02 13.59 15.49
N ASP B 22 -30.70 14.24 14.53
CA ASP B 22 -30.33 14.06 13.12
C ASP B 22 -28.86 14.36 12.89
N TYR B 23 -28.30 15.36 13.58
CA TYR B 23 -26.90 15.71 13.37
C TYR B 23 -26.00 14.69 14.04
N MET B 24 -26.24 14.44 15.32
CA MET B 24 -25.40 13.53 16.08
C MET B 24 -25.36 12.14 15.45
N ILE B 25 -26.53 11.63 15.04
CA ILE B 25 -26.56 10.34 14.36
C ILE B 25 -25.88 10.43 12.99
N LEU B 26 -26.20 11.47 12.20
CA LEU B 26 -25.51 11.64 10.92
C LEU B 26 -24.03 11.62 11.10
N PHE B 27 -23.54 12.45 12.02
CA PHE B 27 -22.12 12.47 12.35
C PHE B 27 -21.62 11.05 12.68
N THR B 28 -22.28 10.38 13.63
CA THR B 28 -21.85 9.05 14.05
C THR B 28 -21.87 8.07 12.88
N VAL B 29 -23.05 7.80 12.31
CA VAL B 29 -23.09 6.80 11.25
C VAL B 29 -22.17 7.17 10.09
N PHE B 30 -21.79 8.45 9.97
CA PHE B 30 -20.85 8.81 8.92
C PHE B 30 -19.45 8.32 9.27
N PHE B 31 -19.00 8.59 10.49
CA PHE B 31 -17.62 8.30 10.87
C PHE B 31 -17.39 6.83 11.20
N VAL B 32 -18.28 6.22 12.00
CA VAL B 32 -18.17 4.79 12.26
C VAL B 32 -18.18 4.00 10.95
N VAL B 33 -19.15 4.26 10.07
CA VAL B 33 -19.11 3.48 8.83
C VAL B 33 -17.89 3.85 7.99
N LEU B 34 -17.36 5.06 8.15
CA LEU B 34 -16.13 5.43 7.45
C LEU B 34 -15.05 4.43 7.86
N GLY B 35 -14.63 4.51 9.13
CA GLY B 35 -13.69 3.59 9.74
C GLY B 35 -13.85 2.15 9.31
N GLY B 36 -15.04 1.60 9.47
CA GLY B 36 -15.30 0.25 8.99
C GLY B 36 -15.03 0.09 7.51
N TYR B 37 -15.81 0.80 6.67
CA TYR B 37 -15.71 0.67 5.22
C TYR B 37 -14.30 0.88 4.74
N HIS B 38 -13.58 1.83 5.35
CA HIS B 38 -12.26 2.16 4.86
C HIS B 38 -11.29 1.03 5.15
N ILE B 39 -11.37 0.47 6.36
CA ILE B 39 -10.54 -0.68 6.73
C ILE B 39 -10.83 -1.87 5.82
N HIS B 40 -12.09 -2.24 5.68
CA HIS B 40 -12.42 -3.32 4.78
C HIS B 40 -11.83 -3.06 3.40
N TYR B 41 -12.00 -1.84 2.89
CA TYR B 41 -11.59 -1.58 1.50
C TYR B 41 -10.08 -1.55 1.37
N MET B 42 -9.40 -1.07 2.41
CA MET B 42 -7.93 -1.03 2.40
C MET B 42 -7.33 -2.42 2.29
N LEU B 43 -7.89 -3.41 2.99
CA LEU B 43 -7.31 -4.76 3.01
C LEU B 43 -7.73 -5.63 1.84
N THR B 44 -8.87 -5.38 1.21
CA THR B 44 -9.30 -6.17 0.05
C THR B 44 -8.93 -5.47 -1.27
N GLY B 45 -9.42 -4.25 -1.48
CA GLY B 45 -9.15 -3.57 -2.73
C GLY B 45 -8.02 -2.57 -2.64
N GLY B 46 -7.54 -2.32 -1.42
CA GLY B 46 -6.67 -1.17 -1.19
C GLY B 46 -5.42 -1.11 -2.04
N ASP B 47 -4.87 -2.28 -2.42
CA ASP B 47 -3.56 -2.26 -3.07
C ASP B 47 -3.63 -1.67 -4.48
N TRP B 48 -4.61 -2.07 -5.28
CA TRP B 48 -4.79 -1.41 -6.57
C TRP B 48 -5.14 0.06 -6.39
N ASP B 49 -5.76 0.40 -5.27
CA ASP B 49 -6.24 1.76 -5.11
C ASP B 49 -5.13 2.75 -4.79
N PHE B 50 -3.96 2.30 -4.32
CA PHE B 50 -2.89 3.24 -3.97
C PHE B 50 -2.12 3.79 -5.17
N TRP B 51 -1.95 3.02 -6.25
CA TRP B 51 -0.98 3.39 -7.27
C TRP B 51 -1.56 3.34 -8.68
N THR B 52 -1.16 4.31 -9.52
CA THR B 52 -1.71 4.38 -10.87
C THR B 52 -1.23 3.25 -11.75
N ASP B 53 -0.08 2.67 -11.43
CA ASP B 53 0.45 1.57 -12.22
C ASP B 53 -0.03 0.22 -11.70
N TRP B 54 -1.01 0.21 -10.78
CA TRP B 54 -1.81 -0.96 -10.47
C TRP B 54 -3.22 -0.89 -11.06
N LYS B 55 -3.68 0.30 -11.45
CA LYS B 55 -5.03 0.45 -12.01
C LYS B 55 -5.05 -0.09 -13.45
N ASP B 56 -5.26 -1.40 -13.58
CA ASP B 56 -5.15 -2.07 -14.88
C ASP B 56 -6.55 -2.31 -15.46
N ARG B 57 -6.67 -3.29 -16.37
CA ARG B 57 -7.98 -3.61 -16.96
C ARG B 57 -8.55 -4.94 -16.50
N ARG B 58 -7.72 -5.88 -16.08
CA ARG B 58 -8.21 -7.18 -15.58
C ARG B 58 -8.56 -7.07 -14.10
N LEU B 59 -7.55 -6.91 -13.25
CA LEU B 59 -7.81 -7.18 -11.84
C LEU B 59 -8.54 -6.02 -11.17
N TRP B 60 -7.98 -4.82 -11.28
CA TRP B 60 -8.61 -3.63 -10.71
C TRP B 60 -10.07 -3.52 -11.13
N VAL B 61 -10.35 -3.70 -12.42
CA VAL B 61 -11.73 -3.65 -12.88
C VAL B 61 -12.58 -4.70 -12.16
N THR B 62 -12.01 -5.86 -11.82
CA THR B 62 -12.75 -6.90 -11.11
C THR B 62 -12.86 -6.60 -9.61
N VAL B 63 -11.72 -6.51 -8.93
CA VAL B 63 -11.67 -6.43 -7.46
C VAL B 63 -12.43 -5.22 -6.92
N ALA B 64 -12.14 -4.01 -7.40
CA ALA B 64 -12.68 -2.81 -6.75
C ALA B 64 -14.19 -2.76 -6.67
N PRO B 65 -14.96 -3.06 -7.72
CA PRO B 65 -16.42 -3.07 -7.53
C PRO B 65 -16.87 -4.08 -6.49
N ILE B 66 -16.48 -5.36 -6.69
CA ILE B 66 -16.88 -6.45 -5.81
C ILE B 66 -16.62 -6.10 -4.33
N VAL B 67 -15.42 -5.64 -3.99
CA VAL B 67 -15.14 -5.43 -2.58
C VAL B 67 -15.89 -4.23 -2.05
N SER B 68 -16.11 -3.21 -2.90
CA SER B 68 -16.66 -1.93 -2.47
C SER B 68 -18.18 -1.92 -2.40
N ILE B 69 -18.88 -2.78 -3.15
CA ILE B 69 -20.34 -2.76 -3.10
C ILE B 69 -20.87 -3.27 -1.76
N THR B 70 -20.04 -3.93 -0.98
CA THR B 70 -20.46 -4.52 0.28
C THR B 70 -21.21 -3.53 1.16
N PHE B 71 -20.46 -2.74 1.94
CA PHE B 71 -21.02 -1.80 2.90
C PHE B 71 -22.22 -0.98 2.39
N PRO B 72 -22.20 -0.42 1.14
CA PRO B 72 -23.44 0.16 0.61
C PRO B 72 -24.61 -0.80 0.80
N ALA B 73 -24.57 -1.99 0.21
CA ALA B 73 -25.67 -2.96 0.40
C ALA B 73 -25.98 -3.22 1.88
N ALA B 74 -24.99 -3.19 2.76
CA ALA B 74 -25.33 -3.29 4.17
C ALA B 74 -26.10 -2.07 4.64
N VAL B 75 -25.57 -0.87 4.37
CA VAL B 75 -26.18 0.34 4.91
C VAL B 75 -27.53 0.61 4.25
N GLN B 76 -27.65 0.38 2.95
CA GLN B 76 -28.97 0.47 2.33
C GLN B 76 -29.97 -0.38 3.09
N ALA B 77 -29.61 -1.64 3.33
CA ALA B 77 -30.53 -2.61 3.93
C ALA B 77 -31.28 -2.05 5.14
N VAL B 78 -30.56 -1.41 6.05
CA VAL B 78 -31.17 -0.79 7.21
C VAL B 78 -31.81 0.57 6.85
N LEU B 79 -31.04 1.49 6.27
CA LEU B 79 -31.51 2.87 6.13
C LEU B 79 -32.74 2.95 5.24
N TRP B 80 -32.67 2.32 4.07
CA TRP B 80 -33.81 2.41 3.16
C TRP B 80 -35.07 1.82 3.79
N TRP B 81 -35.03 0.55 4.21
CA TRP B 81 -36.26 -0.13 4.63
C TRP B 81 -36.71 0.30 6.03
N ARG B 82 -35.82 0.75 6.89
CA ARG B 82 -36.30 1.26 8.17
C ARG B 82 -36.67 2.75 8.16
N TYR B 83 -36.21 3.53 7.19
CA TYR B 83 -36.43 4.97 7.29
C TYR B 83 -36.67 5.67 5.96
N ARG B 84 -36.98 4.96 4.89
CA ARG B 84 -36.86 5.47 3.52
C ARG B 84 -35.76 6.53 3.35
N ILE B 85 -34.58 6.25 3.93
CA ILE B 85 -33.36 7.00 3.65
C ILE B 85 -32.74 6.47 2.36
N ALA B 86 -32.38 7.37 1.45
CA ALA B 86 -31.94 6.94 0.12
C ALA B 86 -30.54 7.38 -0.22
N TRP B 87 -29.80 7.96 0.72
CA TRP B 87 -28.36 8.15 0.55
C TRP B 87 -27.55 7.04 1.25
N GLY B 88 -27.97 5.79 1.09
CA GLY B 88 -27.25 4.70 1.72
C GLY B 88 -25.88 4.48 1.10
N ALA B 89 -25.84 4.20 -0.20
CA ALA B 89 -24.54 3.93 -0.81
C ALA B 89 -23.63 5.14 -0.73
N THR B 90 -24.21 6.34 -0.81
CA THR B 90 -23.41 7.54 -0.93
C THR B 90 -22.80 7.96 0.40
N LEU B 91 -23.47 7.72 1.51
CA LEU B 91 -22.81 7.96 2.79
C LEU B 91 -21.52 7.17 2.88
N CYS B 92 -21.55 5.93 2.39
CA CYS B 92 -20.38 5.06 2.44
C CYS B 92 -19.28 5.58 1.54
N VAL B 93 -19.60 5.77 0.25
CA VAL B 93 -18.59 6.20 -0.70
C VAL B 93 -18.06 7.59 -0.36
N LEU B 94 -18.90 8.47 0.20
CA LEU B 94 -18.39 9.72 0.76
C LEU B 94 -17.39 9.46 1.87
N GLY B 95 -17.74 8.56 2.79
CA GLY B 95 -16.84 8.27 3.89
C GLY B 95 -15.53 7.67 3.44
N LEU B 96 -15.58 6.76 2.45
CA LEU B 96 -14.33 6.18 1.99
C LEU B 96 -13.41 7.24 1.43
N LEU B 97 -13.86 7.91 0.36
CA LEU B 97 -13.02 8.89 -0.32
C LEU B 97 -12.49 9.96 0.61
N LEU B 98 -13.29 10.40 1.57
CA LEU B 98 -12.74 11.34 2.52
C LEU B 98 -11.57 10.70 3.26
N GLY B 99 -11.74 9.44 3.68
CA GLY B 99 -10.68 8.76 4.40
C GLY B 99 -9.49 8.47 3.54
N GLU B 100 -9.73 7.97 2.32
CA GLU B 100 -8.61 7.79 1.38
C GLU B 100 -7.89 9.11 1.16
N TRP B 101 -8.63 10.17 0.78
CA TRP B 101 -7.97 11.39 0.34
C TRP B 101 -7.12 12.01 1.45
N ILE B 102 -7.63 12.05 2.69
CA ILE B 102 -6.81 12.53 3.79
C ILE B 102 -5.54 11.71 3.92
N ASN B 103 -5.60 10.44 3.54
CA ASN B 103 -4.45 9.58 3.74
C ASN B 103 -3.46 9.73 2.60
N ARG B 104 -3.93 9.93 1.36
CA ARG B 104 -3.02 10.12 0.22
C ARG B 104 -2.37 11.48 0.23
N TYR B 105 -3.10 12.52 0.63
CA TYR B 105 -2.54 13.86 0.58
C TYR B 105 -1.63 14.12 1.79
N PHE B 106 -2.12 13.89 3.02
CA PHE B 106 -1.28 14.26 4.15
C PHE B 106 -0.22 13.23 4.49
N ASN B 107 -0.29 12.02 3.93
CA ASN B 107 0.67 10.96 4.27
C ASN B 107 1.46 10.49 3.05
N PHE B 108 0.84 9.81 2.09
CA PHE B 108 1.58 9.36 0.91
C PHE B 108 2.40 10.49 0.33
N TRP B 109 1.75 11.61 -0.01
CA TRP B 109 2.43 12.81 -0.46
C TRP B 109 2.95 13.62 0.73
N GLY B 110 2.12 13.83 1.73
CA GLY B 110 2.48 14.62 2.89
C GLY B 110 3.81 14.28 3.53
N TRP B 111 3.98 13.03 3.95
CA TRP B 111 5.14 12.67 4.76
C TRP B 111 6.16 11.80 4.03
N THR B 112 5.77 11.14 2.92
CA THR B 112 6.73 10.36 2.15
C THR B 112 6.88 10.85 0.71
N TYR B 113 6.33 12.00 0.37
CA TYR B 113 6.65 12.71 -0.87
C TYR B 113 6.24 11.95 -2.13
N PHE B 114 5.15 11.18 -2.10
CA PHE B 114 4.76 10.62 -3.39
C PHE B 114 3.88 11.62 -4.13
N PRO B 115 4.17 11.91 -5.39
CA PRO B 115 3.30 12.82 -6.16
C PRO B 115 1.83 12.45 -6.15
N VAL B 116 0.94 13.32 -5.67
CA VAL B 116 -0.50 13.03 -5.59
C VAL B 116 -1.06 12.44 -6.89
N ASN B 117 -0.43 12.74 -8.01
CA ASN B 117 -0.94 12.17 -9.26
C ASN B 117 -0.46 10.74 -9.49
N PHE B 118 0.30 10.19 -8.55
CA PHE B 118 0.68 8.78 -8.48
C PHE B 118 -0.25 8.02 -7.54
N VAL B 119 -0.73 8.67 -6.47
CA VAL B 119 -1.45 7.98 -5.41
C VAL B 119 -2.90 8.42 -5.24
N PHE B 120 -3.55 8.89 -6.31
CA PHE B 120 -4.93 9.33 -6.12
C PHE B 120 -5.87 8.12 -6.12
N PRO B 121 -7.01 8.22 -5.44
CA PRO B 121 -7.89 7.06 -5.25
C PRO B 121 -8.72 6.71 -6.47
N SER B 122 -9.40 5.57 -6.36
CA SER B 122 -10.41 5.17 -7.33
C SER B 122 -11.66 6.00 -7.10
N ASN B 123 -12.50 6.05 -8.10
CA ASN B 123 -13.72 6.83 -8.03
C ASN B 123 -14.89 5.87 -8.05
N LEU B 124 -15.64 5.82 -6.93
CA LEU B 124 -16.75 4.88 -6.79
C LEU B 124 -18.12 5.55 -6.85
N MET B 125 -18.14 6.89 -6.84
CA MET B 125 -19.38 7.64 -6.62
C MET B 125 -20.43 7.55 -7.75
N PRO B 126 -20.08 7.38 -9.00
CA PRO B 126 -21.15 7.14 -10.00
C PRO B 126 -22.03 5.94 -9.67
N GLY B 127 -21.44 4.80 -9.35
CA GLY B 127 -22.25 3.65 -8.98
C GLY B 127 -23.04 3.87 -7.71
N ALA B 128 -22.49 4.64 -6.78
CA ALA B 128 -23.20 4.86 -5.52
C ALA B 128 -24.46 5.69 -5.73
N ILE B 129 -24.49 6.54 -6.75
CA ILE B 129 -25.71 7.29 -7.05
C ILE B 129 -26.68 6.43 -7.85
N VAL B 130 -26.21 5.81 -8.94
CA VAL B 130 -27.08 4.91 -9.69
C VAL B 130 -27.64 3.82 -8.79
N LEU B 131 -26.91 3.44 -7.74
CA LEU B 131 -27.40 2.39 -6.84
C LEU B 131 -28.50 2.93 -5.96
N ASP B 132 -28.21 4.02 -5.24
CA ASP B 132 -29.18 4.65 -4.36
C ASP B 132 -30.49 4.92 -5.09
N VAL B 133 -30.40 5.52 -6.27
CA VAL B 133 -31.60 5.87 -7.02
C VAL B 133 -32.34 4.62 -7.47
N ILE B 134 -31.64 3.67 -8.09
CA ILE B 134 -32.31 2.44 -8.53
C ILE B 134 -33.05 1.80 -7.37
N LEU B 135 -32.57 1.98 -6.14
CA LEU B 135 -33.29 1.43 -4.99
C LEU B 135 -34.48 2.30 -4.61
N MET B 136 -34.32 3.62 -4.64
CA MET B 136 -35.41 4.50 -4.20
C MET B 136 -36.61 4.39 -5.15
N LEU B 137 -36.41 4.66 -6.43
CA LEU B 137 -37.31 4.12 -7.44
C LEU B 137 -37.35 2.62 -7.26
N SER B 138 -38.44 2.00 -7.70
CA SER B 138 -38.53 0.52 -7.68
C SER B 138 -38.68 -0.09 -6.28
N ASN B 139 -37.97 0.43 -5.27
CA ASN B 139 -38.05 -0.07 -3.89
C ASN B 139 -38.16 -1.58 -3.94
N SER B 140 -37.11 -2.22 -4.41
CA SER B 140 -37.05 -3.68 -4.51
C SER B 140 -35.61 -4.11 -4.35
N MET B 141 -35.33 -4.93 -3.33
CA MET B 141 -33.96 -5.39 -3.14
C MET B 141 -33.48 -6.19 -4.35
N THR B 142 -34.35 -6.96 -4.98
CA THR B 142 -33.88 -7.84 -6.04
C THR B 142 -33.46 -7.03 -7.27
N LEU B 143 -34.35 -6.17 -7.77
CA LEU B 143 -33.99 -5.36 -8.93
C LEU B 143 -32.77 -4.51 -8.63
N THR B 144 -32.64 -4.00 -7.40
CA THR B 144 -31.42 -3.30 -7.05
C THR B 144 -30.23 -4.25 -7.09
N ALA B 145 -30.40 -5.53 -6.74
CA ALA B 145 -29.27 -6.45 -6.79
C ALA B 145 -28.85 -6.72 -8.23
N VAL B 146 -29.81 -7.13 -9.08
CA VAL B 146 -29.47 -7.46 -10.46
C VAL B 146 -29.09 -6.21 -11.25
N VAL B 147 -30.03 -5.28 -11.42
CA VAL B 147 -29.77 -4.07 -12.19
C VAL B 147 -28.74 -3.19 -11.49
N GLY B 148 -28.74 -3.16 -10.16
CA GLY B 148 -27.72 -2.38 -9.45
C GLY B 148 -26.33 -3.00 -9.53
N GLY B 149 -26.25 -4.32 -9.28
CA GLY B 149 -24.97 -5.01 -9.36
C GLY B 149 -24.26 -4.82 -10.69
N LEU B 150 -24.96 -5.12 -11.79
CA LEU B 150 -24.43 -4.81 -13.12
C LEU B 150 -24.08 -3.33 -13.25
N ALA B 151 -24.93 -2.44 -12.73
CA ALA B 151 -24.60 -1.02 -12.80
C ALA B 151 -23.30 -0.73 -12.08
N TRP B 152 -23.13 -1.33 -10.88
CA TRP B 152 -21.96 -1.02 -10.05
C TRP B 152 -20.66 -1.44 -10.72
N GLY B 153 -20.67 -2.57 -11.42
CA GLY B 153 -19.48 -3.01 -12.09
C GLY B 153 -19.21 -2.34 -13.41
N LEU B 154 -20.23 -2.28 -14.26
CA LEU B 154 -20.06 -1.72 -15.61
C LEU B 154 -19.66 -0.25 -15.56
N LEU B 155 -20.06 0.46 -14.51
CA LEU B 155 -19.73 1.88 -14.43
C LEU B 155 -18.34 2.16 -13.86
N PHE B 156 -17.66 1.16 -13.31
CA PHE B 156 -16.48 1.48 -12.50
C PHE B 156 -15.34 1.99 -13.38
N TYR B 157 -15.05 1.30 -14.49
CA TYR B 157 -13.97 1.75 -15.35
C TYR B 157 -14.34 3.04 -16.09
N PRO B 158 -15.53 3.19 -16.69
CA PRO B 158 -15.89 4.50 -17.27
C PRO B 158 -15.77 5.62 -16.26
N GLY B 159 -16.31 5.47 -15.07
CA GLY B 159 -16.18 6.51 -14.07
C GLY B 159 -14.75 6.85 -13.71
N ASN B 160 -13.78 6.01 -14.10
CA ASN B 160 -12.38 6.28 -13.82
C ASN B 160 -11.53 6.57 -15.05
N TRP B 161 -11.96 6.15 -16.24
CA TRP B 161 -11.11 6.35 -17.42
C TRP B 161 -10.81 7.80 -17.75
N PRO B 162 -11.70 8.77 -17.53
CA PRO B 162 -11.31 10.17 -17.80
C PRO B 162 -10.20 10.66 -16.90
N ILE B 163 -9.98 10.05 -15.73
CA ILE B 163 -8.93 10.49 -14.83
C ILE B 163 -7.57 9.88 -15.18
N ILE B 164 -7.52 8.57 -15.46
CA ILE B 164 -6.24 7.88 -15.63
C ILE B 164 -5.75 7.96 -17.07
N ALA B 165 -6.67 8.12 -18.04
CA ALA B 165 -6.33 8.02 -19.46
C ALA B 165 -5.12 8.85 -19.83
N PRO B 166 -4.97 10.09 -19.34
CA PRO B 166 -3.72 10.82 -19.55
C PRO B 166 -2.48 9.96 -19.34
N LEU B 167 -2.52 9.11 -18.31
CA LEU B 167 -1.34 8.33 -17.95
C LEU B 167 -1.20 7.05 -18.75
N HIS B 168 -2.03 6.84 -19.76
CA HIS B 168 -1.93 5.69 -20.63
C HIS B 168 -1.42 6.02 -22.02
N VAL B 169 -0.94 7.23 -22.24
CA VAL B 169 -0.22 7.53 -23.47
C VAL B 169 1.17 6.91 -23.37
N PRO B 170 1.64 6.22 -24.40
CA PRO B 170 2.90 5.49 -24.29
C PRO B 170 4.11 6.40 -24.45
N VAL B 171 5.26 5.84 -24.13
CA VAL B 171 6.51 6.57 -24.04
C VAL B 171 7.63 5.62 -24.44
N GLU B 172 8.55 6.09 -25.28
CA GLU B 172 9.74 5.28 -25.57
C GLU B 172 10.79 5.72 -24.56
N TYR B 173 10.78 5.08 -23.40
CA TYR B 173 11.75 5.31 -22.35
C TYR B 173 12.86 4.28 -22.43
N ASN B 174 14.08 4.74 -22.20
CA ASN B 174 15.35 4.04 -22.44
C ASN B 174 15.23 2.76 -23.29
N GLY B 175 14.49 2.80 -24.39
CA GLY B 175 14.43 1.68 -25.29
C GLY B 175 13.18 0.83 -25.18
N MET B 176 12.41 1.00 -24.11
CA MET B 176 11.24 0.19 -23.83
C MET B 176 9.99 1.04 -23.79
N MET B 177 8.92 0.53 -24.38
CA MET B 177 7.61 1.14 -24.28
C MET B 177 7.09 1.05 -22.84
N MET B 178 6.74 2.18 -22.26
CA MET B 178 6.07 2.24 -20.97
C MET B 178 4.95 3.26 -21.05
N THR B 179 3.87 3.00 -20.33
CA THR B 179 2.91 4.07 -20.18
C THR B 179 3.41 5.06 -19.13
N LEU B 180 2.76 6.21 -19.10
CA LEU B 180 3.19 7.16 -18.11
C LEU B 180 2.95 6.61 -16.71
N ALA B 181 1.83 5.88 -16.52
CA ALA B 181 1.61 5.21 -15.23
C ALA B 181 2.79 4.32 -14.87
N ASP B 182 3.19 3.45 -15.80
CA ASP B 182 4.41 2.64 -15.59
C ASP B 182 5.61 3.52 -15.24
N LEU B 183 5.80 4.63 -15.96
CA LEU B 183 6.90 5.54 -15.62
C LEU B 183 6.80 6.00 -14.18
N GLN B 184 5.58 6.34 -13.72
CA GLN B 184 5.45 6.82 -12.35
C GLN B 184 5.90 5.75 -11.37
N GLY B 185 5.51 4.49 -11.62
CA GLY B 185 5.90 3.41 -10.74
C GLY B 185 7.40 3.16 -10.71
N TYR B 186 8.03 3.15 -11.90
CA TYR B 186 9.49 3.04 -12.04
C TYR B 186 10.20 4.19 -11.35
N HIS B 187 9.61 5.39 -11.37
CA HIS B 187 10.34 6.57 -10.93
C HIS B 187 10.27 6.74 -9.42
N TYR B 188 9.06 6.88 -8.89
CA TYR B 188 8.91 7.26 -7.48
C TYR B 188 9.08 6.01 -6.64
N VAL B 189 10.30 5.81 -6.15
CA VAL B 189 10.77 4.57 -5.57
C VAL B 189 9.90 4.11 -4.40
N ARG B 190 9.16 3.02 -4.60
CA ARG B 190 8.50 2.32 -3.49
C ARG B 190 9.45 1.26 -2.91
N THR B 191 10.25 1.65 -1.91
CA THR B 191 11.21 0.70 -1.32
C THR B 191 10.53 -0.57 -0.83
N GLY B 192 9.39 -0.46 -0.18
CA GLY B 192 8.73 -1.64 0.32
C GLY B 192 7.61 -2.20 -0.53
N THR B 193 7.56 -1.88 -1.83
CA THR B 193 6.51 -2.38 -2.71
C THR B 193 7.08 -2.62 -4.10
N PRO B 194 7.95 -3.62 -4.24
CA PRO B 194 8.63 -3.86 -5.51
C PRO B 194 7.69 -4.41 -6.55
N GLU B 195 8.22 -4.48 -7.78
CA GLU B 195 7.34 -4.55 -8.95
C GLU B 195 6.53 -5.83 -8.98
N TYR B 196 7.14 -6.97 -8.66
CA TYR B 196 6.41 -8.22 -8.84
C TYR B 196 5.17 -8.32 -7.96
N ILE B 197 5.12 -7.59 -6.84
CA ILE B 197 3.95 -7.58 -5.98
C ILE B 197 2.72 -7.15 -6.74
N ARG B 198 2.89 -6.42 -7.83
CA ARG B 198 1.77 -5.76 -8.46
C ARG B 198 1.02 -6.77 -9.31
N MET B 199 -0.29 -6.84 -9.11
CA MET B 199 -1.13 -7.81 -9.79
C MET B 199 -1.93 -7.09 -10.87
N VAL B 200 -1.29 -6.85 -12.01
CA VAL B 200 -1.97 -6.27 -13.16
C VAL B 200 -2.01 -7.32 -14.29
N GLU B 201 -2.86 -7.07 -15.27
CA GLU B 201 -2.99 -7.99 -16.38
C GLU B 201 -1.67 -8.16 -17.11
N LYS B 202 -1.39 -9.40 -17.54
CA LYS B 202 -0.15 -9.72 -18.23
C LYS B 202 -0.34 -10.54 -19.50
N GLY B 203 -1.55 -10.90 -19.87
CA GLY B 203 -1.73 -11.68 -21.07
C GLY B 203 -1.84 -13.17 -20.78
N THR B 204 -2.49 -13.88 -21.69
CA THR B 204 -2.62 -15.33 -21.64
C THR B 204 -2.57 -15.85 -23.06
N LEU B 205 -2.29 -17.15 -23.19
CA LEU B 205 -2.39 -17.80 -24.48
C LEU B 205 -3.81 -18.21 -24.80
N ARG B 206 -4.68 -18.26 -23.79
CA ARG B 206 -6.09 -18.58 -23.94
C ARG B 206 -6.93 -17.30 -24.07
N THR B 207 -6.30 -16.13 -24.08
CA THR B 207 -6.93 -14.80 -23.96
C THR B 207 -6.88 -14.06 -25.29
N PHE B 208 -7.85 -13.17 -25.51
CA PHE B 208 -7.70 -12.07 -26.46
C PHE B 208 -7.49 -10.76 -25.70
N GLY B 209 -6.57 -9.92 -26.20
CA GLY B 209 -6.33 -8.60 -25.64
C GLY B 209 -7.56 -7.71 -25.72
N LYS B 210 -7.41 -6.39 -25.52
CA LYS B 210 -8.54 -5.46 -25.57
C LYS B 210 -9.47 -5.83 -26.71
N ASP B 211 -10.70 -6.27 -26.39
CA ASP B 211 -11.35 -6.14 -25.07
C ASP B 211 -10.89 -7.05 -23.92
N VAL B 212 -10.43 -6.42 -22.83
CA VAL B 212 -10.18 -7.12 -21.57
C VAL B 212 -10.92 -6.36 -20.49
N ALA B 213 -11.06 -5.04 -20.70
CA ALA B 213 -11.72 -4.22 -19.70
C ALA B 213 -13.23 -4.45 -19.69
N PRO B 214 -13.95 -4.38 -20.82
CA PRO B 214 -15.40 -4.62 -20.74
C PRO B 214 -15.73 -6.01 -20.20
N VAL B 215 -15.09 -7.06 -20.72
CA VAL B 215 -15.29 -8.42 -20.23
C VAL B 215 -15.08 -8.53 -18.73
N SER B 216 -14.06 -7.83 -18.20
CA SER B 216 -13.86 -7.85 -16.76
C SER B 216 -14.97 -7.09 -16.05
N ALA B 217 -15.37 -5.94 -16.62
CA ALA B 217 -16.41 -5.12 -15.99
C ALA B 217 -17.70 -5.91 -15.82
N PHE B 218 -18.11 -6.66 -16.85
CA PHE B 218 -19.32 -7.47 -16.73
C PHE B 218 -19.14 -8.53 -15.65
N PHE B 219 -18.04 -9.29 -15.70
CA PHE B 219 -17.81 -10.30 -14.66
C PHE B 219 -17.96 -9.67 -13.29
N SER B 220 -17.37 -8.47 -13.12
CA SER B 220 -17.49 -7.74 -11.87
C SER B 220 -18.95 -7.42 -11.58
N GLY B 221 -19.72 -7.06 -12.60
CA GLY B 221 -21.14 -6.82 -12.41
C GLY B 221 -21.89 -8.02 -11.88
N PHE B 222 -21.72 -9.17 -12.52
CA PHE B 222 -22.38 -10.38 -12.04
C PHE B 222 -21.97 -10.72 -10.60
N VAL B 223 -20.65 -10.82 -10.32
CA VAL B 223 -20.25 -11.13 -8.95
C VAL B 223 -20.79 -10.08 -8.00
N SER B 224 -20.97 -8.84 -8.49
CA SER B 224 -21.43 -7.75 -7.63
C SER B 224 -22.87 -7.93 -7.17
N ILE B 225 -23.72 -8.52 -8.02
CA ILE B 225 -25.08 -8.85 -7.58
C ILE B 225 -25.05 -9.93 -6.52
N LEU B 226 -24.22 -10.97 -6.70
CA LEU B 226 -24.10 -11.98 -5.66
C LEU B 226 -23.63 -11.34 -4.37
N ILE B 227 -22.60 -10.50 -4.45
CA ILE B 227 -22.10 -9.83 -3.24
C ILE B 227 -23.19 -8.98 -2.62
N TYR B 228 -24.11 -8.49 -3.45
CA TYR B 228 -25.15 -7.59 -2.96
C TYR B 228 -26.25 -8.34 -2.20
N PHE B 229 -26.86 -9.36 -2.81
CA PHE B 229 -27.68 -10.30 -2.04
C PHE B 229 -27.02 -10.64 -0.71
N LEU B 230 -25.80 -11.19 -0.76
CA LEU B 230 -25.15 -11.56 0.49
C LEU B 230 -25.13 -10.38 1.44
N TRP B 231 -24.72 -9.23 0.94
CA TRP B 231 -24.42 -8.19 1.91
C TRP B 231 -25.66 -7.41 2.32
N HIS B 232 -26.77 -7.55 1.59
CA HIS B 232 -28.04 -7.05 2.10
C HIS B 232 -28.48 -7.85 3.33
N PHE B 233 -28.55 -9.18 3.21
CA PHE B 233 -28.91 -10.01 4.36
C PHE B 233 -27.96 -9.76 5.52
N PHE B 234 -26.66 -9.66 5.25
CA PHE B 234 -25.69 -9.34 6.30
C PHE B 234 -26.02 -8.00 6.95
N GLY B 235 -26.57 -7.05 6.19
CA GLY B 235 -26.90 -5.73 6.70
C GLY B 235 -28.15 -5.78 7.56
N SER B 236 -29.21 -6.39 7.03
CA SER B 236 -30.39 -6.70 7.85
C SER B 236 -29.97 -7.32 9.17
N TRP B 237 -29.16 -8.40 9.14
CA TRP B 237 -28.63 -8.93 10.38
C TRP B 237 -28.00 -7.81 11.19
N PHE B 238 -27.21 -6.95 10.53
CA PHE B 238 -26.49 -5.92 11.27
C PHE B 238 -27.42 -4.90 11.87
N GLY B 239 -28.57 -4.66 11.24
CA GLY B 239 -29.54 -3.75 11.80
C GLY B 239 -30.57 -4.53 12.58
N SER B 240 -30.25 -4.87 13.82
CA SER B 240 -31.12 -5.75 14.59
C SER B 240 -31.17 -5.28 16.03
N GLU B 241 -32.37 -5.13 16.55
CA GLU B 241 -32.54 -4.55 17.88
C GLU B 241 -32.74 -5.62 18.96
N LYS B 242 -32.41 -6.87 18.64
CA LYS B 242 -32.55 -7.99 19.55
C LYS B 242 -31.59 -7.89 20.73
N PHE B 243 -32.08 -8.30 21.91
CA PHE B 243 -31.32 -8.28 23.16
C PHE B 243 -31.03 -9.71 23.63
N VAL B 244 -29.96 -9.85 24.43
CA VAL B 244 -29.51 -11.17 24.86
C VAL B 244 -29.49 -11.28 26.40
N LYS C 90 -32.75 1.93 40.00
CA LYS C 90 -34.18 2.25 39.90
C LYS C 90 -34.42 3.24 38.76
N VAL C 91 -33.85 2.93 37.60
CA VAL C 91 -33.93 3.84 36.46
C VAL C 91 -34.61 3.14 35.28
N MET C 92 -35.74 2.46 35.55
CA MET C 92 -36.71 2.10 34.53
C MET C 92 -38.04 2.75 34.83
N SER C 93 -37.98 3.89 35.50
CA SER C 93 -39.15 4.72 35.77
C SER C 93 -38.60 6.13 36.00
N ILE C 94 -38.41 6.88 34.91
CA ILE C 94 -37.84 8.21 34.97
C ILE C 94 -38.67 9.17 34.12
N THR C 95 -38.71 10.43 34.54
CA THR C 95 -39.52 11.44 33.86
C THR C 95 -39.13 11.49 32.37
N PRO C 96 -40.11 11.40 31.44
CA PRO C 96 -39.74 11.35 30.01
C PRO C 96 -38.77 12.42 29.60
N ARG C 97 -38.81 13.59 30.24
CA ARG C 97 -37.81 14.62 29.96
C ARG C 97 -36.42 14.17 30.41
N GLU C 98 -36.32 13.42 31.50
CA GLU C 98 -35.01 12.97 31.97
C GLU C 98 -34.46 11.85 31.10
N GLU C 99 -35.30 10.86 30.77
CA GLU C 99 -34.89 9.78 29.87
C GLU C 99 -34.28 10.35 28.60
N LEU C 100 -34.91 11.37 28.03
CA LEU C 100 -34.43 11.96 26.79
C LEU C 100 -33.13 12.72 27.02
N ARG C 101 -33.03 13.49 28.09
CA ARG C 101 -31.77 14.12 28.45
C ARG C 101 -30.63 13.11 28.45
N ARG C 102 -30.93 11.86 28.75
CA ARG C 102 -29.91 10.84 28.83
C ARG C 102 -29.60 10.21 27.49
N HIS C 103 -30.63 9.89 26.68
CA HIS C 103 -30.36 9.49 25.30
C HIS C 103 -29.53 10.56 24.60
N PHE C 104 -29.62 11.82 25.04
CA PHE C 104 -28.72 12.85 24.56
C PHE C 104 -27.29 12.58 25.00
N THR C 105 -27.09 12.22 26.27
CA THR C 105 -25.73 11.95 26.71
C THR C 105 -25.18 10.70 26.02
N HIS C 106 -26.00 9.66 25.91
CA HIS C 106 -25.57 8.45 25.21
C HIS C 106 -25.01 8.77 23.84
N TRP C 107 -25.60 9.72 23.12
CA TRP C 107 -25.08 10.04 21.80
C TRP C 107 -23.84 10.93 21.86
N THR C 108 -23.60 11.61 22.98
CA THR C 108 -22.30 12.24 23.15
C THR C 108 -21.20 11.18 23.25
N TRP C 109 -21.50 10.06 23.91
CA TRP C 109 -20.55 8.94 23.93
C TRP C 109 -20.44 8.32 22.54
N LEU C 110 -21.58 7.99 21.92
CA LEU C 110 -21.54 7.39 20.60
C LEU C 110 -20.90 8.31 19.56
N MET C 111 -20.80 9.61 19.85
CA MET C 111 -20.13 10.50 18.91
C MET C 111 -18.63 10.48 19.12
N MET C 112 -18.19 10.68 20.37
CA MET C 112 -16.77 10.56 20.71
C MET C 112 -16.22 9.23 20.25
N TYR C 113 -16.99 8.15 20.46
CA TYR C 113 -16.57 6.84 19.98
C TYR C 113 -16.36 6.86 18.46
N GLY C 114 -17.26 7.51 17.72
CA GLY C 114 -17.09 7.57 16.28
C GLY C 114 -15.84 8.30 15.86
N ILE C 115 -15.38 9.25 16.68
CA ILE C 115 -14.11 9.90 16.40
C ILE C 115 -12.96 8.93 16.64
N ALA C 116 -12.94 8.30 17.82
CA ALA C 116 -11.91 7.30 18.10
C ALA C 116 -11.84 6.26 16.97
N ILE C 117 -12.99 5.75 16.52
CA ILE C 117 -12.98 4.80 15.40
C ILE C 117 -12.36 5.41 14.15
N TYR C 118 -12.51 6.73 13.95
CA TYR C 118 -11.92 7.34 12.76
C TYR C 118 -10.41 7.54 12.91
N PHE C 119 -9.96 8.02 14.07
CA PHE C 119 -8.52 8.08 14.32
C PHE C 119 -7.92 6.68 14.32
N GLY C 120 -8.73 5.66 14.61
CA GLY C 120 -8.29 4.28 14.50
C GLY C 120 -7.84 3.92 13.10
N ALA C 121 -8.66 4.23 12.10
CA ALA C 121 -8.30 4.00 10.69
C ALA C 121 -7.90 5.28 9.93
N SER C 122 -6.83 5.95 10.39
CA SER C 122 -6.21 7.07 9.66
C SER C 122 -4.72 6.81 9.47
N ILE C 157 -10.81 2.05 22.26
CA ILE C 157 -11.53 0.91 22.84
C ILE C 157 -12.19 1.35 24.15
N ILE C 158 -11.60 2.39 24.77
CA ILE C 158 -12.11 2.96 26.00
C ILE C 158 -13.60 3.26 25.88
N THR C 159 -13.94 4.26 25.05
CA THR C 159 -15.33 4.76 24.99
C THR C 159 -16.32 3.64 24.67
N GLY C 160 -15.90 2.62 23.90
CA GLY C 160 -16.75 1.48 23.62
C GLY C 160 -17.29 0.80 24.86
N GLY C 161 -16.70 1.06 26.02
CA GLY C 161 -17.28 0.66 27.29
C GLY C 161 -18.06 1.80 27.90
N ALA C 162 -17.44 2.99 27.91
CA ALA C 162 -18.08 4.19 28.47
C ALA C 162 -19.48 4.40 27.93
N SER C 163 -19.73 3.91 26.71
CA SER C 163 -21.04 4.05 26.09
C SER C 163 -21.94 2.84 26.40
N PHE C 164 -21.51 1.64 26.02
CA PHE C 164 -22.31 0.44 26.33
C PHE C 164 -22.73 0.41 27.80
N LEU C 165 -21.82 0.78 28.70
CA LEU C 165 -22.12 0.93 30.11
C LEU C 165 -23.33 1.83 30.29
N TYR C 166 -23.19 3.08 29.84
CA TYR C 166 -24.27 4.06 29.95
C TYR C 166 -25.59 3.49 29.48
N ALA C 167 -25.65 3.00 28.24
CA ALA C 167 -26.88 2.47 27.68
C ALA C 167 -27.50 1.39 28.57
N LYS C 168 -26.70 0.67 29.32
CA LYS C 168 -27.24 -0.33 30.23
C LYS C 168 -27.37 0.19 31.66
N THR C 169 -26.38 0.96 32.13
CA THR C 169 -26.49 1.69 33.38
C THR C 169 -27.81 2.45 33.47
N ARG C 170 -28.00 3.43 32.57
CA ARG C 170 -28.86 4.57 32.84
C ARG C 170 -29.97 4.79 31.81
N LEU C 171 -30.37 3.76 31.04
CA LEU C 171 -31.33 3.94 29.95
C LEU C 171 -32.36 2.81 29.87
N PRO C 172 -33.58 3.03 30.35
CA PRO C 172 -34.68 2.04 30.23
C PRO C 172 -34.71 1.12 29.02
N THR C 173 -34.32 1.63 27.85
CA THR C 173 -34.48 0.84 26.64
C THR C 173 -33.56 -0.39 26.66
N TYR C 174 -32.34 -0.22 27.17
CA TYR C 174 -31.32 -1.28 27.23
C TYR C 174 -31.24 -1.87 28.64
N GLN C 175 -32.32 -2.47 29.12
CA GLN C 175 -32.29 -3.02 30.47
C GLN C 175 -32.45 -4.52 30.50
N GLN C 176 -33.18 -5.11 29.57
CA GLN C 176 -33.24 -6.57 29.55
C GLN C 176 -32.03 -7.14 28.82
N GLY C 177 -30.84 -6.74 29.27
CA GLY C 177 -29.63 -7.50 28.99
C GLY C 177 -28.92 -7.41 27.65
N LEU C 178 -28.11 -6.35 27.46
CA LEU C 178 -27.11 -6.23 26.38
C LEU C 178 -27.67 -6.35 24.96
N SER C 179 -27.45 -5.35 24.11
CA SER C 179 -27.85 -5.50 22.71
C SER C 179 -26.86 -6.37 21.96
N LEU C 180 -27.41 -7.29 21.17
CA LEU C 180 -26.55 -8.06 20.27
C LEU C 180 -25.63 -7.15 19.45
N GLN C 181 -26.21 -6.34 18.55
CA GLN C 181 -25.39 -5.56 17.61
C GLN C 181 -24.62 -4.46 18.31
N TYR C 182 -25.14 -3.94 19.41
CA TYR C 182 -24.29 -3.09 20.25
C TYR C 182 -23.06 -3.84 20.68
N LEU C 183 -23.15 -5.16 20.92
CA LEU C 183 -21.99 -5.94 21.31
C LEU C 183 -20.98 -6.01 20.16
N VAL C 184 -21.40 -6.52 19.01
CA VAL C 184 -20.57 -6.46 17.79
C VAL C 184 -19.78 -5.16 17.67
N VAL C 185 -20.40 -4.01 17.96
CA VAL C 185 -19.71 -2.73 17.89
C VAL C 185 -18.60 -2.59 18.92
N VAL C 186 -18.52 -3.49 19.91
CA VAL C 186 -17.51 -3.31 20.94
C VAL C 186 -16.62 -4.55 21.06
N VAL C 187 -17.22 -5.74 21.09
CA VAL C 187 -16.47 -6.99 21.01
C VAL C 187 -15.69 -6.99 19.69
N GLY C 188 -16.28 -7.57 18.65
CA GLY C 188 -15.66 -7.63 17.36
C GLY C 188 -15.74 -9.04 16.79
N PRO C 189 -14.60 -9.56 16.31
CA PRO C 189 -14.54 -10.98 15.95
C PRO C 189 -14.48 -11.90 17.15
N PHE C 190 -14.31 -11.35 18.36
CA PHE C 190 -14.25 -12.11 19.61
C PHE C 190 -15.63 -12.62 20.05
N MET C 191 -16.49 -12.98 19.11
CA MET C 191 -17.74 -13.69 19.41
C MET C 191 -17.71 -15.14 18.96
N ILE C 192 -16.89 -15.48 17.97
CA ILE C 192 -16.70 -16.87 17.55
C ILE C 192 -16.03 -17.71 18.65
N GLY C 219 -8.85 -11.87 9.24
CA GLY C 219 -7.95 -10.84 9.71
C GLY C 219 -8.64 -9.73 10.49
N PHE C 220 -8.16 -8.50 10.32
CA PHE C 220 -8.80 -7.34 10.93
C PHE C 220 -9.95 -6.76 10.10
N VAL C 221 -10.19 -7.30 8.90
CA VAL C 221 -11.40 -6.89 8.19
C VAL C 221 -12.64 -7.12 9.04
N PHE C 222 -12.57 -8.06 9.99
CA PHE C 222 -13.69 -8.27 10.90
C PHE C 222 -13.92 -7.06 11.80
N PHE C 223 -12.85 -6.47 12.34
CA PHE C 223 -13.04 -5.22 13.07
C PHE C 223 -13.71 -4.17 12.20
N GLY C 224 -13.42 -4.19 10.89
CA GLY C 224 -14.11 -3.35 9.94
C GLY C 224 -15.59 -3.67 9.82
N TRP C 225 -15.93 -4.88 9.37
CA TRP C 225 -17.34 -5.26 9.32
C TRP C 225 -18.05 -5.07 10.65
N SER C 226 -17.31 -4.92 11.76
CA SER C 226 -18.02 -4.79 13.02
C SER C 226 -18.68 -3.43 13.16
N ALA C 227 -18.17 -2.43 12.45
CA ALA C 227 -18.75 -1.09 12.53
C ALA C 227 -20.20 -1.08 12.08
N LEU C 228 -20.55 -1.86 11.05
CA LEU C 228 -21.95 -1.97 10.66
C LEU C 228 -22.88 -2.34 11.82
N GLY C 229 -22.32 -2.76 12.95
CA GLY C 229 -23.18 -2.98 14.10
C GLY C 229 -23.84 -1.71 14.56
N VAL C 230 -23.22 -0.58 14.26
CA VAL C 230 -23.84 0.69 14.59
C VAL C 230 -25.26 0.82 14.06
N LEU C 231 -25.62 0.11 12.98
CA LEU C 231 -27.01 0.17 12.53
C LEU C 231 -27.96 -0.39 13.58
N GLY C 232 -27.56 -1.45 14.28
CA GLY C 232 -28.42 -2.00 15.32
C GLY C 232 -28.64 -1.01 16.45
N VAL C 233 -27.58 -0.33 16.89
CA VAL C 233 -27.73 0.66 17.94
C VAL C 233 -28.57 1.84 17.47
N ILE C 234 -28.34 2.30 16.24
CA ILE C 234 -29.20 3.35 15.69
C ILE C 234 -30.65 2.89 15.71
N ASN C 235 -30.93 1.71 15.11
CA ASN C 235 -32.30 1.20 15.06
C ASN C 235 -32.95 1.14 16.45
N ILE C 236 -32.20 0.76 17.48
CA ILE C 236 -32.76 0.73 18.84
C ILE C 236 -33.02 2.15 19.34
N GLU C 237 -31.99 2.99 19.32
CA GLU C 237 -32.10 4.35 19.87
C GLU C 237 -33.28 5.11 19.25
N LEU C 238 -33.42 5.09 17.93
CA LEU C 238 -34.49 5.86 17.33
C LEU C 238 -35.84 5.28 17.69
N GLY C 239 -36.02 3.98 17.49
CA GLY C 239 -37.24 3.34 17.95
C GLY C 239 -37.62 3.74 19.37
N ALA C 240 -36.61 3.97 20.23
CA ALA C 240 -36.85 4.45 21.59
C ALA C 240 -37.22 5.92 21.61
N LEU C 241 -36.42 6.75 20.91
CA LEU C 241 -36.69 8.19 20.80
C LEU C 241 -37.99 8.43 20.04
N SER C 242 -38.21 7.68 18.96
CA SER C 242 -39.46 7.78 18.22
C SER C 242 -40.66 7.62 19.15
N LYS C 243 -40.60 6.67 20.07
CA LYS C 243 -41.71 6.46 21.00
C LYS C 243 -41.81 7.58 22.02
N LEU C 244 -40.70 8.21 22.35
CA LEU C 244 -40.71 9.21 23.41
C LEU C 244 -41.13 10.58 22.90
N LEU C 245 -41.04 10.81 21.59
CA LEU C 245 -41.39 12.09 20.97
C LEU C 245 -42.47 12.01 19.89
N LYS C 246 -43.04 10.84 19.63
CA LYS C 246 -44.06 10.73 18.58
C LYS C 246 -45.17 11.76 18.70
N LYS C 247 -45.40 12.29 19.90
CA LYS C 247 -46.73 12.73 20.29
C LYS C 247 -47.27 14.03 19.70
N ASP C 248 -46.74 15.24 19.94
CA ASP C 248 -45.41 15.84 20.14
C ASP C 248 -44.82 16.19 18.77
N LEU C 249 -44.91 15.28 17.80
CA LEU C 249 -44.60 15.60 16.41
C LEU C 249 -45.75 15.27 15.47
N ALA C 250 -46.94 15.00 16.00
CA ALA C 250 -48.03 14.40 15.22
C ALA C 250 -48.36 15.16 13.94
#